data_8X9U
#
_entry.id   8X9U
#
loop_
_entity.id
_entity.type
_entity.pdbx_description
1 polymer 'Guanine nucleotide-binding protein G(I)/G(S)/G(T) subunit beta-1'
2 polymer 'Guanine nucleotide-binding protein G(I)/G(S)/G(O) subunit gamma-2'
3 polymer scFv16
4 polymer 'Gs protein alpha subunit'
5 polymer 'Adhesion G-protein coupled receptor D1'
6 non-polymer Metenolone
#
loop_
_entity_poly.entity_id
_entity_poly.type
_entity_poly.pdbx_seq_one_letter_code
_entity_poly.pdbx_strand_id
1 'polypeptide(L)'
;GSLLQSELDQLRQEAEQLKNQIRDARKACADATLSQITNNIDPVGRIQMRTRRTLRGHLAKIYAMHWGTDSRLLVSASQD
GKLIIWDSYTTNKVHAIPLRSSWVMTCAYAPSGNYVACGGLDNICSIYNLKTREGNVRVSRELAGHTGYLSCCRFLDDNQ
IVTSSGDTTCALWDIETGQQTTTFTGHTGDVMSLSLAPDTRLFVSGACDASAKLWDVREGMCRQTFTGHESDINAICFFP
NGNAFATGSDDATCRLFDLRADQELMTYSHDNIICGITSVSFSKSGRLLLAGYDDFNCNVWDALKADRAGVLAGHDNRVS
CLGVTDDGMAVATGSWDSFLKIWN
;
B
2 'polypeptide(L)' MASNNTASIAQARKLVEQLKMEANIDRIKVSKAAADLMAYCEAHAKEDPLLTPVPASENPFREKKFFCAIL G
3 'polypeptide(L)'
;MVQLVESGGGLVQPGGSRKLSCSASGFAFSSFGMHWVRQAPEKGLEWVAYISSGSGTIYYADTVKGRFTISRDDPKNTLF
LQMTSLRSEDTAMYYCVRSIYYYGSSPFDFWGQGTTLTVSAGGGGSGGGGSGGGGSSDIVMTQATSSVPVTPGESVSISC
RSSKSLLHSNGNTYLYWFLQRPGQSPQLLIYRMSNLASGVPDRFSGSGSGTAFTLTISRLEAEDVGVYYCMQHLEYPLTF
GAGTKLELLEENLYFQGASHHHHHHHH
;
S
4 'polypeptide(L)'
;MGCTLSAEDKAAVERSKMIEKQLQKDKQVYRATHRLLLLGADNSGKSTIVKQMRIYHVNGYSEEECKQYKAVVYSNTIQS
IIAIIRAMGRLKIDFGDSARADDARQLFVLAGAAEEGFMTAELAGVIKRLWKDSGVQACFNRSREYQLNDSAAYYLNDLD
RIAQPNYIPTQQDVLRTRVKTSGIFETKFQVDKVNFHMFDVGAQRDERRKWIQCFNDVTAIIFVVDSSDYNRLQEALNDF
KSIWNNRWLRTISVILFLNKQDLLAEKVLAGKSKIEDYFPEFARYTTPEDATPEPGEDPRVTRAKYFIRDEFLRISTASG
DGRHYCYPHFTCSVDTENARRIFNDCRDIIQRMHLRQYELL
;
A
5 'polypeptide(L)'
;HPIITNLTEERKTFQSPGVILSYLQNVSLSLPSKSLSEQTALNLTKTFLKAVGEILLLPGWIALSEDSAVVLSLIDTIDT
VMGHVSSNLHGSTPQVTVEGSSAMAEFSVAKILPKTVNSSHYRFPAHGQSFIQIPHEAFHRHAWSTVVGLLYHSMHYYLN
NIWPAHTKIAEAMHHQDCLLFATSHLISLEVSPPPTLSQNLSGSPLITVHLKHRLTRKQHSEATNSSNRVFVYCAFLDFS
SGEGVWSNHGCALTRGNLTYSVCRCTHLTNFAILMQVVPLELARGHQVALSSISYVGCSLSVLCLVATLVTFAVLSSVST
IRNQRYHIHANLSFAVLVAQVLLLISFRLEPGTTPCQVMAVLLHYFFLSAFAWMLVEGLHLYSMVIKVFGSEDSKHRYYY
GMGWGFPLLICIISLSFAMDSYGTSNNCWLSLASGAIWAFVAPALFVIVVNIGILIAVTRVISQISADNYKIHGDPSAFK
LTAKAVAVLLPILGTSWVFGVLAVNGCAVVFQYMFATLNSLQGLFIFLFHCLLNSEVRAAFKHKTKVWSLTSSSARTSNA
KPFHSDLMNGTRPGMASTKLSPWDKSSHSAHRVDLSAV
;
R
#
# COMPACT_ATOMS: atom_id res chain seq x y z
N GLU A 7 -15.75 45.29 27.20
CA GLU A 7 -16.23 43.95 27.49
C GLU A 7 -16.01 43.03 26.29
N LEU A 8 -16.73 41.90 26.29
CA LEU A 8 -16.61 40.96 25.19
C LEU A 8 -17.09 41.57 23.88
N ASP A 9 -18.16 42.37 23.94
CA ASP A 9 -18.66 43.03 22.73
C ASP A 9 -17.62 43.99 22.17
N GLN A 10 -16.94 44.74 23.03
CA GLN A 10 -15.91 45.66 22.57
C GLN A 10 -14.77 44.90 21.90
N LEU A 11 -14.34 43.79 22.49
CA LEU A 11 -13.28 42.99 21.88
C LEU A 11 -13.71 42.42 20.53
N ARG A 12 -14.95 41.95 20.45
CA ARG A 12 -15.45 41.44 19.17
C ARG A 12 -15.50 42.53 18.12
N GLN A 13 -15.93 43.74 18.51
CA GLN A 13 -15.96 44.85 17.57
C GLN A 13 -14.55 45.22 17.11
N GLU A 14 -13.58 45.21 18.03
CA GLU A 14 -12.20 45.51 17.65
C GLU A 14 -11.66 44.45 16.69
N ALA A 15 -11.97 43.18 16.95
CA ALA A 15 -11.52 42.12 16.05
C ALA A 15 -12.15 42.26 14.67
N GLU A 16 -13.45 42.59 14.63
CA GLU A 16 -14.11 42.79 13.35
C GLU A 16 -13.51 43.97 12.60
N GLN A 17 -13.19 45.05 13.32
CA GLN A 17 -12.56 46.20 12.69
C GLN A 17 -11.19 45.84 12.14
N LEU A 18 -10.41 45.05 12.88
CA LEU A 18 -9.10 44.64 12.39
C LEU A 18 -9.22 43.77 11.14
N LYS A 19 -10.18 42.84 11.15
CA LYS A 19 -10.38 41.99 9.98
C LYS A 19 -10.81 42.81 8.77
N ASN A 20 -11.71 43.77 8.98
CA ASN A 20 -12.16 44.62 7.88
C ASN A 20 -11.01 45.48 7.36
N GLN A 21 -10.15 45.97 8.25
CA GLN A 21 -8.99 46.74 7.82
C GLN A 21 -8.03 45.89 7.00
N ILE A 22 -7.82 44.64 7.41
CA ILE A 22 -6.96 43.75 6.64
C ILE A 22 -7.54 43.49 5.26
N ARG A 23 -8.85 43.23 5.20
CA ARG A 23 -9.49 43.00 3.91
C ARG A 23 -9.42 44.24 3.02
N ASP A 24 -9.62 45.42 3.60
CA ASP A 24 -9.54 46.65 2.84
C ASP A 24 -8.14 46.89 2.31
N ALA A 25 -7.12 46.62 3.13
CA ALA A 25 -5.75 46.78 2.68
C ALA A 25 -5.44 45.81 1.54
N ARG A 26 -5.92 44.57 1.65
CA ARG A 26 -5.71 43.61 0.57
C ARG A 26 -6.39 44.06 -0.71
N LYS A 27 -7.63 44.56 -0.60
CA LYS A 27 -8.34 45.03 -1.79
C LYS A 27 -7.64 46.23 -2.42
N ALA A 28 -7.16 47.16 -1.59
CA ALA A 28 -6.46 48.32 -2.10
C ALA A 28 -5.16 47.92 -2.80
N CYS A 29 -4.43 46.96 -2.23
CA CYS A 29 -3.22 46.49 -2.87
C CYS A 29 -3.49 45.69 -4.14
N ALA A 30 -4.73 45.34 -4.41
CA ALA A 30 -5.07 44.53 -5.57
C ALA A 30 -5.16 45.44 -6.79
N ASP A 31 -4.11 45.41 -7.62
CA ASP A 31 -4.07 46.19 -8.85
C ASP A 31 -4.41 45.36 -10.08
N ALA A 32 -3.64 44.29 -10.32
CA ALA A 32 -3.84 43.45 -11.49
C ALA A 32 -3.83 41.98 -11.09
N THR A 33 -4.64 41.19 -11.77
CA THR A 33 -4.73 39.76 -11.51
C THR A 33 -3.61 39.02 -12.24
N LEU A 34 -3.51 37.72 -11.95
CA LEU A 34 -2.51 36.91 -12.62
C LEU A 34 -2.86 36.70 -14.09
N SER A 35 -4.16 36.59 -14.39
CA SER A 35 -4.58 36.34 -15.77
C SER A 35 -4.20 37.50 -16.69
N GLN A 36 -4.37 38.73 -16.21
CA GLN A 36 -4.06 39.89 -17.04
C GLN A 36 -2.56 39.97 -17.35
N ILE A 37 -1.71 39.51 -16.45
CA ILE A 37 -0.27 39.54 -16.64
C ILE A 37 0.24 38.20 -17.21
N THR A 38 -0.65 37.38 -17.74
CA THR A 38 -0.23 36.12 -18.33
C THR A 38 -0.96 35.78 -19.63
N ASN A 39 -1.84 36.65 -20.13
CA ASN A 39 -2.56 36.35 -21.35
C ASN A 39 -1.68 36.41 -22.59
N ASN A 40 -0.45 36.88 -22.48
CA ASN A 40 0.43 37.05 -23.63
C ASN A 40 1.49 35.96 -23.74
N ILE A 41 1.85 35.29 -22.64
CA ILE A 41 2.90 34.28 -22.70
C ILE A 41 2.38 33.04 -23.41
N ASP A 42 3.24 32.43 -24.22
CA ASP A 42 2.83 31.30 -25.04
C ASP A 42 2.37 30.14 -24.17
N PRO A 43 1.43 29.33 -24.65
CA PRO A 43 0.92 28.22 -23.85
C PRO A 43 1.98 27.14 -23.65
N VAL A 44 1.81 26.39 -22.55
CA VAL A 44 2.72 25.31 -22.22
C VAL A 44 2.48 24.07 -23.07
N GLY A 45 1.42 24.06 -23.85
CA GLY A 45 1.15 22.94 -24.73
C GLY A 45 0.49 21.79 -24.00
N ARG A 46 0.14 20.76 -24.78
CA ARG A 46 -0.49 19.56 -24.24
C ARG A 46 0.60 18.69 -23.65
N ILE A 47 0.79 18.79 -22.34
CA ILE A 47 1.78 17.98 -21.64
C ILE A 47 1.25 16.56 -21.50
N GLN A 48 1.99 15.60 -22.03
CA GLN A 48 1.57 14.19 -22.03
C GLN A 48 2.66 13.37 -21.34
N MET A 49 2.47 13.11 -20.06
CA MET A 49 3.36 12.21 -19.33
C MET A 49 2.81 10.78 -19.41
N ARG A 50 3.62 9.83 -18.97
CA ARG A 50 3.21 8.43 -19.02
C ARG A 50 3.80 7.71 -17.81
N THR A 51 3.13 6.64 -17.41
CA THR A 51 3.56 5.87 -16.25
C THR A 51 4.82 5.09 -16.61
N ARG A 52 5.97 5.56 -16.10
CA ARG A 52 7.22 4.86 -16.32
C ARG A 52 7.38 3.70 -15.35
N ARG A 53 7.34 3.97 -14.06
CA ARG A 53 7.46 2.95 -13.03
C ARG A 53 6.21 2.93 -12.18
N THR A 54 5.63 1.75 -12.00
CA THR A 54 4.54 1.54 -11.07
C THR A 54 5.04 0.67 -9.92
N LEU A 55 4.89 1.15 -8.70
CA LEU A 55 5.43 0.51 -7.51
C LEU A 55 4.32 -0.18 -6.75
N ARG A 56 4.50 -1.48 -6.50
CA ARG A 56 3.49 -2.30 -5.85
C ARG A 56 4.11 -3.06 -4.69
N GLY A 57 3.27 -3.46 -3.76
CA GLY A 57 3.71 -4.19 -2.59
C GLY A 57 2.96 -3.84 -1.33
N HIS A 58 2.32 -2.67 -1.32
CA HIS A 58 1.56 -2.25 -0.15
C HIS A 58 0.29 -3.09 -0.02
N LEU A 59 -0.19 -3.21 1.22
CA LEU A 59 -1.33 -4.06 1.53
C LEU A 59 -2.65 -3.31 1.52
N ALA A 60 -2.64 -2.02 1.83
CA ALA A 60 -3.85 -1.24 1.99
C ALA A 60 -3.63 0.13 1.37
N LYS A 61 -4.55 1.04 1.66
CA LYS A 61 -4.52 2.37 1.07
C LYS A 61 -3.26 3.12 1.45
N ILE A 62 -2.63 3.77 0.46
CA ILE A 62 -1.47 4.61 0.70
C ILE A 62 -1.96 5.99 1.10
N TYR A 63 -1.52 6.47 2.26
CA TYR A 63 -2.02 7.73 2.77
C TYR A 63 -1.02 8.88 2.69
N ALA A 64 0.27 8.60 2.55
CA ALA A 64 1.24 9.66 2.41
C ALA A 64 2.49 9.13 1.73
N MET A 65 3.26 10.03 1.13
CA MET A 65 4.54 9.68 0.56
C MET A 65 5.41 10.92 0.53
N HIS A 66 6.73 10.72 0.57
CA HIS A 66 7.68 11.81 0.50
C HIS A 66 8.88 11.40 -0.34
N TRP A 67 9.47 12.39 -1.00
CA TRP A 67 10.61 12.19 -1.88
C TRP A 67 11.91 12.50 -1.13
N GLY A 68 12.88 11.62 -1.25
CA GLY A 68 14.18 11.91 -0.71
C GLY A 68 14.86 13.04 -1.46
N THR A 69 15.84 13.67 -0.80
CA THR A 69 16.53 14.79 -1.40
C THR A 69 17.42 14.37 -2.57
N ASP A 70 17.71 13.09 -2.72
CA ASP A 70 18.53 12.61 -3.83
C ASP A 70 17.72 12.42 -5.11
N SER A 71 16.41 12.67 -5.07
CA SER A 71 15.51 12.50 -6.21
C SER A 71 15.43 11.04 -6.66
N ARG A 72 15.87 10.11 -5.82
CA ARG A 72 15.83 8.70 -6.14
C ARG A 72 15.06 7.88 -5.11
N LEU A 73 15.24 8.16 -3.83
CA LEU A 73 14.62 7.38 -2.77
C LEU A 73 13.23 7.91 -2.44
N LEU A 74 12.34 7.00 -2.10
CA LEU A 74 10.94 7.30 -1.85
C LEU A 74 10.50 6.65 -0.55
N VAL A 75 9.60 7.32 0.16
CA VAL A 75 8.99 6.76 1.37
C VAL A 75 7.47 6.77 1.18
N SER A 76 6.83 5.64 1.45
CA SER A 76 5.39 5.51 1.31
C SER A 76 4.81 4.91 2.58
N ALA A 77 3.70 5.49 3.04
CA ALA A 77 3.04 5.07 4.26
C ALA A 77 1.69 4.46 3.92
N SER A 78 1.45 3.24 4.39
CA SER A 78 0.22 2.53 4.12
C SER A 78 -0.46 2.16 5.42
N GLN A 79 -1.77 2.41 5.47
CA GLN A 79 -2.57 2.14 6.66
C GLN A 79 -2.95 0.65 6.72
N ASP A 80 -1.92 -0.15 6.51
CA ASP A 80 -1.80 -1.48 7.06
C ASP A 80 -0.84 -1.47 8.23
N GLY A 81 -0.19 -0.34 8.48
CA GLY A 81 0.92 -0.23 9.40
C GLY A 81 2.25 -0.49 8.73
N LYS A 82 2.50 0.11 7.57
CA LYS A 82 3.80 -0.08 6.93
C LYS A 82 4.36 1.23 6.41
N LEU A 83 5.70 1.28 6.39
CA LEU A 83 6.46 2.41 5.88
C LEU A 83 7.54 1.82 4.97
N ILE A 84 7.36 1.92 3.65
CA ILE A 84 8.24 1.28 2.69
C ILE A 84 9.12 2.35 2.05
N ILE A 85 10.43 2.11 2.03
CA ILE A 85 11.39 2.95 1.34
C ILE A 85 11.75 2.27 0.03
N TRP A 86 11.38 2.91 -1.08
CA TRP A 86 11.60 2.44 -2.44
C TRP A 86 12.79 3.14 -3.08
N ASP A 87 13.36 2.47 -4.08
CA ASP A 87 14.32 3.05 -5.01
C ASP A 87 13.60 3.23 -6.33
N SER A 88 13.26 4.47 -6.67
CA SER A 88 12.36 4.71 -7.78
C SER A 88 12.98 4.37 -9.13
N TYR A 89 14.31 4.44 -9.24
CA TYR A 89 14.95 4.17 -10.52
C TYR A 89 14.83 2.70 -10.90
N THR A 90 14.92 1.80 -9.93
CA THR A 90 14.97 0.37 -10.18
C THR A 90 13.80 -0.39 -9.57
N THR A 91 12.71 0.31 -9.25
CA THR A 91 11.52 -0.24 -8.58
C THR A 91 11.88 -1.29 -7.54
N ASN A 92 12.78 -0.91 -6.64
CA ASN A 92 13.31 -1.80 -5.61
C ASN A 92 12.88 -1.33 -4.23
N LYS A 93 12.65 -2.28 -3.34
CA LYS A 93 12.24 -1.97 -1.97
C LYS A 93 13.49 -1.94 -1.09
N VAL A 94 13.94 -0.73 -0.77
CA VAL A 94 15.12 -0.57 0.07
C VAL A 94 14.83 -0.98 1.50
N HIS A 95 13.69 -0.53 2.03
CA HIS A 95 13.36 -0.77 3.44
C HIS A 95 11.88 -1.06 3.59
N ALA A 96 11.54 -1.82 4.62
CA ALA A 96 10.14 -2.08 4.98
C ALA A 96 10.04 -2.01 6.50
N ILE A 97 9.47 -0.92 7.01
CA ILE A 97 9.41 -0.64 8.44
C ILE A 97 8.00 -0.95 8.94
N PRO A 98 7.84 -1.90 9.86
CA PRO A 98 6.55 -2.07 10.52
C PRO A 98 6.32 -0.96 11.54
N LEU A 99 5.05 -0.73 11.85
CA LEU A 99 4.65 0.35 12.74
C LEU A 99 3.90 -0.21 13.94
N ARG A 100 4.08 0.42 15.10
CA ARG A 100 3.33 0.04 16.28
C ARG A 100 1.84 0.28 16.08
N SER A 101 1.48 1.42 15.50
CA SER A 101 0.10 1.68 15.11
C SER A 101 -0.14 1.18 13.70
N SER A 102 -1.38 1.32 13.23
CA SER A 102 -1.75 0.87 11.90
C SER A 102 -2.47 1.95 11.09
N TRP A 103 -2.76 3.10 11.67
CA TRP A 103 -3.46 4.18 10.98
C TRP A 103 -2.48 5.34 10.83
N VAL A 104 -1.69 5.30 9.76
CA VAL A 104 -0.66 6.29 9.50
C VAL A 104 -1.15 7.25 8.43
N MET A 105 -1.12 8.54 8.75
CA MET A 105 -1.61 9.57 7.85
C MET A 105 -0.51 10.48 7.31
N THR A 106 0.75 10.24 7.69
CA THR A 106 1.84 11.10 7.23
C THR A 106 3.16 10.36 7.29
N CYS A 107 4.08 10.76 6.43
CA CYS A 107 5.46 10.31 6.47
C CYS A 107 6.34 11.40 5.89
N ALA A 108 7.62 11.34 6.23
CA ALA A 108 8.57 12.35 5.77
C ALA A 108 9.96 11.76 5.70
N TYR A 109 10.73 12.24 4.73
CA TYR A 109 12.13 11.87 4.56
C TYR A 109 12.99 13.04 5.01
N ALA A 110 13.95 12.77 5.88
CA ALA A 110 14.86 13.81 6.31
C ALA A 110 15.74 14.25 5.14
N PRO A 111 16.12 15.53 5.11
CA PRO A 111 17.00 15.98 4.01
C PRO A 111 18.30 15.22 3.93
N SER A 112 18.87 14.85 5.08
CA SER A 112 20.09 14.06 5.09
C SER A 112 19.84 12.64 4.61
N GLY A 113 18.67 12.09 4.90
CA GLY A 113 18.37 10.72 4.57
C GLY A 113 18.66 9.71 5.65
N ASN A 114 18.97 10.17 6.87
CA ASN A 114 19.29 9.27 7.97
C ASN A 114 18.10 8.93 8.83
N TYR A 115 17.03 9.71 8.78
CA TYR A 115 15.85 9.49 9.61
C TYR A 115 14.60 9.60 8.75
N VAL A 116 13.54 8.95 9.20
CA VAL A 116 12.25 8.97 8.53
C VAL A 116 11.17 9.22 9.56
N ALA A 117 10.27 10.14 9.26
CA ALA A 117 9.17 10.49 10.16
C ALA A 117 7.92 9.70 9.81
N CYS A 118 7.10 9.44 10.83
CA CYS A 118 5.84 8.74 10.65
C CYS A 118 4.86 9.23 11.71
N GLY A 119 3.58 9.05 11.45
CA GLY A 119 2.57 9.46 12.41
C GLY A 119 1.19 9.26 11.87
N GLY A 120 0.21 9.30 12.77
CA GLY A 120 -1.17 9.12 12.40
C GLY A 120 -2.14 9.26 13.55
N LEU A 121 -3.11 8.34 13.63
CA LEU A 121 -4.12 8.39 14.68
C LEU A 121 -3.58 8.02 16.04
N ASP A 122 -2.33 7.57 16.12
CA ASP A 122 -1.73 7.13 17.37
C ASP A 122 -1.28 8.28 18.27
N ASN A 123 -1.42 9.52 17.81
CA ASN A 123 -1.10 10.76 18.52
C ASN A 123 0.39 11.02 18.61
N ILE A 124 1.24 10.14 18.10
CA ILE A 124 2.68 10.18 18.37
C ILE A 124 3.44 10.25 17.06
N CYS A 125 4.43 11.13 16.99
CA CYS A 125 5.31 11.22 15.82
C CYS A 125 6.53 10.34 16.05
N SER A 126 6.69 9.32 15.21
CA SER A 126 7.78 8.36 15.38
C SER A 126 8.89 8.68 14.40
N ILE A 127 10.10 8.88 14.91
CA ILE A 127 11.29 9.10 14.10
C ILE A 127 12.09 7.81 14.12
N TYR A 128 12.28 7.24 12.93
CA TYR A 128 13.00 5.99 12.72
C TYR A 128 14.38 6.31 12.17
N ASN A 129 15.38 5.60 12.68
CA ASN A 129 16.78 5.82 12.29
C ASN A 129 17.17 4.75 11.29
N LEU A 130 17.54 5.18 10.08
CA LEU A 130 17.86 4.27 8.98
C LEU A 130 19.33 3.90 8.92
N LYS A 131 20.16 4.43 9.81
CA LYS A 131 21.61 4.29 9.73
C LYS A 131 22.18 3.84 11.06
N THR A 132 21.58 2.81 11.65
CA THR A 132 22.13 2.23 12.86
C THR A 132 23.23 1.22 12.51
N ARG A 133 24.08 0.95 13.49
CA ARG A 133 25.09 -0.09 13.32
C ARG A 133 24.50 -1.49 13.41
N GLU A 134 23.33 -1.64 14.03
CA GLU A 134 22.69 -2.94 14.14
C GLU A 134 22.11 -3.39 12.81
N GLY A 135 21.91 -2.48 11.86
CA GLY A 135 21.50 -2.83 10.52
C GLY A 135 20.01 -2.89 10.30
N ASN A 136 19.19 -2.61 11.31
CA ASN A 136 17.74 -2.66 11.17
C ASN A 136 17.16 -1.32 11.57
N VAL A 137 16.19 -0.83 10.79
CA VAL A 137 15.53 0.41 11.12
C VAL A 137 14.82 0.27 12.45
N ARG A 138 15.07 1.20 13.35
CA ARG A 138 14.59 1.14 14.71
C ARG A 138 13.95 2.45 15.09
N VAL A 139 12.93 2.39 15.93
CA VAL A 139 12.24 3.60 16.38
C VAL A 139 13.22 4.39 17.22
N SER A 140 13.77 5.46 16.64
CA SER A 140 14.78 6.25 17.34
C SER A 140 14.15 7.15 18.40
N ARG A 141 12.97 7.70 18.12
CA ARG A 141 12.34 8.58 19.11
C ARG A 141 10.84 8.67 18.87
N GLU A 142 10.07 8.50 19.93
CA GLU A 142 8.63 8.67 19.88
C GLU A 142 8.27 10.00 20.52
N LEU A 143 7.51 10.82 19.80
CA LEU A 143 7.15 12.15 20.24
C LEU A 143 5.68 12.15 20.65
N ALA A 144 5.43 12.38 21.92
CA ALA A 144 4.09 12.51 22.47
C ALA A 144 3.88 13.93 22.95
N GLY A 145 2.62 14.36 22.96
CA GLY A 145 2.30 15.72 23.32
C GLY A 145 1.15 16.24 22.49
N HIS A 146 0.75 15.45 21.50
CA HIS A 146 -0.36 15.79 20.63
C HIS A 146 -1.60 15.02 21.08
N THR A 147 -2.64 15.75 21.43
CA THR A 147 -3.93 15.16 21.81
C THR A 147 -4.85 15.02 20.59
N GLY A 148 -4.32 14.42 19.54
CA GLY A 148 -5.07 14.28 18.30
C GLY A 148 -4.17 13.65 17.26
N TYR A 149 -4.79 13.24 16.17
CA TYR A 149 -4.08 12.52 15.13
C TYR A 149 -3.09 13.43 14.42
N LEU A 150 -1.89 12.92 14.18
CA LEU A 150 -0.92 13.63 13.36
C LEU A 150 -1.33 13.55 11.90
N SER A 151 -1.27 14.67 11.20
CA SER A 151 -1.68 14.73 9.81
C SER A 151 -0.52 14.98 8.85
N CYS A 152 0.54 15.66 9.29
CA CYS A 152 1.67 15.93 8.43
C CYS A 152 2.88 16.24 9.29
N CYS A 153 4.03 15.71 8.88
CA CYS A 153 5.30 15.94 9.56
C CYS A 153 6.36 16.27 8.53
N ARG A 154 7.27 17.18 8.89
CA ARG A 154 8.33 17.60 8.00
C ARG A 154 9.62 17.74 8.79
N PHE A 155 10.73 17.55 8.11
CA PHE A 155 12.07 17.57 8.71
C PHE A 155 12.76 18.87 8.33
N LEU A 156 13.20 19.63 9.33
CA LEU A 156 14.08 20.77 9.05
C LEU A 156 15.52 20.31 8.93
N ASP A 157 16.03 19.64 9.94
CA ASP A 157 17.36 19.06 9.92
C ASP A 157 17.27 17.69 10.58
N ASP A 158 18.43 17.12 10.92
CA ASP A 158 18.45 15.78 11.50
C ASP A 158 17.96 15.75 12.94
N ASN A 159 17.77 16.90 13.58
CA ASN A 159 17.42 16.97 14.98
C ASN A 159 16.10 17.69 15.28
N GLN A 160 15.56 18.46 14.34
CA GLN A 160 14.31 19.17 14.54
C GLN A 160 13.25 18.63 13.59
N ILE A 161 12.01 18.51 14.09
CA ILE A 161 10.89 18.07 13.28
C ILE A 161 9.75 19.06 13.46
N VAL A 162 8.88 19.13 12.46
CA VAL A 162 7.71 20.00 12.48
C VAL A 162 6.48 19.17 12.16
N THR A 163 5.45 19.27 13.00
CA THR A 163 4.28 18.43 12.89
C THR A 163 3.01 19.26 12.97
N SER A 164 1.95 18.74 12.36
CA SER A 164 0.60 19.30 12.46
C SER A 164 -0.33 18.19 12.93
N SER A 165 -1.23 18.50 13.86
CA SER A 165 -2.04 17.46 14.46
C SER A 165 -3.51 17.82 14.45
N GLY A 166 -4.34 16.82 14.71
CA GLY A 166 -5.77 17.03 14.80
C GLY A 166 -6.22 17.79 16.02
N ASP A 167 -5.30 18.14 16.91
CA ASP A 167 -5.60 19.01 18.05
C ASP A 167 -5.53 20.48 17.68
N THR A 168 -5.65 20.78 16.38
CA THR A 168 -5.66 22.16 15.87
C THR A 168 -4.37 22.90 16.18
N THR A 169 -3.25 22.18 16.29
CA THR A 169 -1.98 22.81 16.62
C THR A 169 -0.85 22.21 15.79
N CYS A 170 0.18 23.03 15.59
CA CYS A 170 1.45 22.59 15.04
C CYS A 170 2.50 22.59 16.15
N ALA A 171 3.57 21.84 15.94
CA ALA A 171 4.56 21.67 16.99
C ALA A 171 5.94 21.47 16.38
N LEU A 172 6.92 22.21 16.86
CA LEU A 172 8.31 22.06 16.47
C LEU A 172 9.05 21.35 17.59
N TRP A 173 9.52 20.15 17.29
CA TRP A 173 10.12 19.24 18.26
C TRP A 173 11.63 19.18 18.11
N ASP A 174 12.33 19.11 19.23
CA ASP A 174 13.72 18.72 19.28
C ASP A 174 13.77 17.21 19.49
N ILE A 175 14.35 16.49 18.51
CA ILE A 175 14.30 15.03 18.54
C ILE A 175 15.11 14.48 19.72
N GLU A 176 16.27 15.08 20.01
CA GLU A 176 17.12 14.57 21.08
C GLU A 176 16.40 14.61 22.41
N THR A 177 15.86 15.76 22.79
CA THR A 177 15.14 15.87 24.05
C THR A 177 13.76 15.20 23.98
N GLY A 178 13.18 15.12 22.80
CA GLY A 178 11.84 14.58 22.66
C GLY A 178 10.74 15.51 23.07
N GLN A 179 11.02 16.78 23.30
CA GLN A 179 10.06 17.75 23.78
C GLN A 179 9.65 18.70 22.66
N GLN A 180 8.63 19.50 22.96
CA GLN A 180 8.13 20.51 22.03
C GLN A 180 8.93 21.79 22.24
N THR A 181 9.87 22.06 21.33
CA THR A 181 10.61 23.31 21.41
C THR A 181 9.68 24.50 21.22
N THR A 182 8.74 24.40 20.27
CA THR A 182 7.76 25.45 20.07
C THR A 182 6.41 24.84 19.74
N THR A 183 5.35 25.58 20.06
CA THR A 183 3.99 25.17 19.74
C THR A 183 3.28 26.31 19.02
N PHE A 184 2.66 25.99 17.90
CA PHE A 184 1.95 26.95 17.06
C PHE A 184 0.45 26.72 17.24
N THR A 185 -0.22 27.72 17.82
CA THR A 185 -1.65 27.70 18.01
C THR A 185 -2.28 28.87 17.25
N GLY A 186 -3.59 28.77 17.01
CA GLY A 186 -4.29 29.79 16.29
C GLY A 186 -5.20 29.21 15.23
N HIS A 187 -5.27 27.88 15.18
CA HIS A 187 -6.11 27.17 14.22
C HIS A 187 -7.36 26.68 14.91
N THR A 188 -8.51 26.89 14.27
CA THR A 188 -9.80 26.50 14.82
C THR A 188 -10.31 25.19 14.23
N GLY A 189 -9.39 24.33 13.77
CA GLY A 189 -9.78 23.07 13.19
C GLY A 189 -8.55 22.25 12.91
N ASP A 190 -8.79 21.04 12.42
CA ASP A 190 -7.71 20.09 12.20
C ASP A 190 -6.80 20.57 11.09
N VAL A 191 -5.52 20.75 11.40
CA VAL A 191 -4.52 21.06 10.38
C VAL A 191 -4.16 19.76 9.68
N MET A 192 -4.25 19.76 8.34
CA MET A 192 -4.08 18.53 7.58
C MET A 192 -2.74 18.44 6.87
N SER A 193 -2.24 19.54 6.33
CA SER A 193 -0.95 19.53 5.63
C SER A 193 -0.18 20.80 5.96
N LEU A 194 1.15 20.68 5.93
CA LEU A 194 2.02 21.84 6.07
C LEU A 194 3.18 21.69 5.09
N SER A 195 3.69 22.84 4.62
CA SER A 195 4.75 22.85 3.64
C SER A 195 5.92 23.69 4.15
N LEU A 196 7.11 23.13 4.07
CA LEU A 196 8.32 23.82 4.50
C LEU A 196 8.82 24.76 3.42
N ALA A 197 9.25 25.95 3.83
CA ALA A 197 9.87 26.86 2.90
C ALA A 197 11.26 26.37 2.52
N PRO A 198 11.74 26.70 1.32
CA PRO A 198 13.09 26.26 0.93
C PRO A 198 14.20 26.73 1.87
N ASP A 199 14.10 27.93 2.42
CA ASP A 199 15.11 28.42 3.35
C ASP A 199 14.98 27.82 4.74
N THR A 200 13.87 27.12 5.01
CA THR A 200 13.62 26.46 6.30
C THR A 200 13.68 27.50 7.43
N ARG A 201 12.79 28.48 7.31
CA ARG A 201 12.62 29.48 8.36
C ARG A 201 11.14 29.72 8.59
N LEU A 202 10.33 29.53 7.56
CA LEU A 202 8.89 29.67 7.62
C LEU A 202 8.23 28.40 7.10
N PHE A 203 6.96 28.24 7.45
CA PHE A 203 6.19 27.14 6.88
C PHE A 203 4.71 27.47 6.91
N VAL A 204 4.01 27.09 5.84
CA VAL A 204 2.57 27.26 5.76
C VAL A 204 1.89 26.01 6.30
N SER A 205 0.64 26.17 6.72
CA SER A 205 -0.14 25.05 7.25
C SER A 205 -1.61 25.30 6.94
N GLY A 206 -2.24 24.32 6.30
CA GLY A 206 -3.64 24.43 5.93
C GLY A 206 -4.51 23.57 6.84
N ALA A 207 -5.68 24.09 7.20
CA ALA A 207 -6.54 23.42 8.15
C ALA A 207 -7.95 23.27 7.58
N CYS A 208 -8.82 22.66 8.39
CA CYS A 208 -10.20 22.40 8.01
C CYS A 208 -11.11 23.58 8.27
N ASP A 209 -10.60 24.67 8.83
CA ASP A 209 -11.37 25.90 8.96
C ASP A 209 -11.27 26.78 7.72
N ALA A 210 -10.96 26.18 6.56
CA ALA A 210 -10.85 26.89 5.29
C ALA A 210 -9.82 28.01 5.37
N SER A 211 -8.64 27.68 5.88
CA SER A 211 -7.60 28.67 6.07
C SER A 211 -6.23 28.03 5.96
N ALA A 212 -5.24 28.87 5.68
CA ALA A 212 -3.84 28.48 5.68
C ALA A 212 -3.03 29.58 6.35
N LYS A 213 -2.27 29.22 7.38
CA LYS A 213 -1.51 30.18 8.17
C LYS A 213 -0.02 29.98 7.95
N LEU A 214 0.72 31.09 7.97
CA LEU A 214 2.16 31.09 7.81
C LEU A 214 2.83 31.29 9.16
N TRP A 215 3.68 30.35 9.55
CA TRP A 215 4.37 30.39 10.83
C TRP A 215 5.87 30.58 10.62
N ASP A 216 6.50 31.24 11.58
CA ASP A 216 7.95 31.39 11.63
C ASP A 216 8.52 30.32 12.57
N VAL A 217 9.38 29.46 12.02
CA VAL A 217 9.91 28.34 12.81
C VAL A 217 10.76 28.84 13.96
N ARG A 218 11.64 29.80 13.68
CA ARG A 218 12.60 30.28 14.69
C ARG A 218 11.87 31.14 15.71
N GLU A 219 11.17 30.47 16.62
CA GLU A 219 10.51 31.11 17.76
C GLU A 219 9.58 32.22 17.31
N GLY A 220 8.53 31.82 16.60
CA GLY A 220 7.58 32.78 16.09
C GLY A 220 6.13 32.36 16.23
N MET A 221 5.25 33.15 15.64
CA MET A 221 3.81 32.89 15.65
C MET A 221 3.25 33.08 14.25
N CYS A 222 1.92 33.11 14.13
CA CYS A 222 1.29 33.23 12.82
C CYS A 222 1.61 34.59 12.21
N ARG A 223 2.35 34.59 11.10
CA ARG A 223 2.67 35.84 10.42
C ARG A 223 1.50 36.33 9.57
N GLN A 224 0.95 35.44 8.73
CA GLN A 224 -0.17 35.80 7.86
C GLN A 224 -1.19 34.68 7.87
N THR A 225 -2.43 35.04 7.56
CA THR A 225 -3.52 34.10 7.38
C THR A 225 -4.12 34.29 6.00
N PHE A 226 -4.45 33.17 5.34
CA PHE A 226 -4.97 33.19 3.99
C PHE A 226 -6.28 32.42 3.95
N THR A 227 -7.32 33.07 3.44
CA THR A 227 -8.66 32.50 3.37
C THR A 227 -9.21 32.69 1.96
N GLY A 228 -10.27 31.95 1.67
CA GLY A 228 -10.86 32.00 0.34
C GLY A 228 -11.40 30.66 -0.13
N HIS A 229 -10.93 29.57 0.48
CA HIS A 229 -11.46 28.26 0.15
C HIS A 229 -12.84 28.08 0.78
N GLU A 230 -13.72 27.37 0.08
CA GLU A 230 -15.07 27.16 0.53
C GLU A 230 -15.22 25.88 1.35
N SER A 231 -14.14 25.15 1.59
CA SER A 231 -14.22 23.89 2.32
C SER A 231 -12.85 23.58 2.91
N ASP A 232 -12.68 22.35 3.38
CA ASP A 232 -11.47 21.99 4.11
C ASP A 232 -10.27 21.92 3.19
N ILE A 233 -9.17 22.53 3.62
CA ILE A 233 -7.89 22.45 2.90
C ILE A 233 -7.17 21.20 3.39
N ASN A 234 -6.87 20.29 2.46
CA ASN A 234 -6.26 19.02 2.82
C ASN A 234 -4.95 18.79 2.08
N ALA A 235 -4.38 19.83 1.48
CA ALA A 235 -3.08 19.73 0.83
C ALA A 235 -2.49 21.13 0.74
N ILE A 236 -1.16 21.18 0.67
CA ILE A 236 -0.46 22.45 0.57
C ILE A 236 0.93 22.18 0.03
N CYS A 237 1.50 23.18 -0.65
CA CYS A 237 2.84 23.07 -1.21
C CYS A 237 3.36 24.47 -1.49
N PHE A 238 4.63 24.71 -1.14
CA PHE A 238 5.26 26.00 -1.39
C PHE A 238 5.67 26.14 -2.85
N PHE A 239 5.73 27.39 -3.30
CA PHE A 239 6.38 27.70 -4.56
C PHE A 239 7.89 27.52 -4.41
N PRO A 240 8.60 27.18 -5.49
CA PRO A 240 10.07 27.05 -5.39
C PRO A 240 10.75 28.31 -4.91
N ASN A 241 10.25 29.49 -5.29
CA ASN A 241 10.78 30.74 -4.75
C ASN A 241 10.53 30.88 -3.26
N GLY A 242 9.53 30.20 -2.72
CA GLY A 242 9.09 30.42 -1.37
C GLY A 242 8.24 31.65 -1.19
N ASN A 243 7.91 32.35 -2.27
CA ASN A 243 7.10 33.56 -2.21
C ASN A 243 5.64 33.30 -2.54
N ALA A 244 5.26 32.05 -2.77
CA ALA A 244 3.88 31.70 -3.05
C ALA A 244 3.64 30.28 -2.61
N PHE A 245 2.37 29.90 -2.51
CA PHE A 245 2.06 28.51 -2.21
C PHE A 245 0.68 28.16 -2.73
N ALA A 246 0.51 26.88 -3.05
CA ALA A 246 -0.74 26.35 -3.60
C ALA A 246 -1.42 25.48 -2.56
N THR A 247 -2.73 25.67 -2.40
CA THR A 247 -3.53 24.95 -1.42
C THR A 247 -4.69 24.28 -2.11
N GLY A 248 -4.90 23.00 -1.82
CA GLY A 248 -5.98 22.23 -2.39
C GLY A 248 -7.05 21.92 -1.35
N SER A 249 -8.31 22.13 -1.74
CA SER A 249 -9.42 21.90 -0.83
C SER A 249 -10.41 20.93 -1.45
N ASP A 250 -11.25 20.35 -0.60
CA ASP A 250 -12.31 19.47 -1.09
C ASP A 250 -13.53 20.28 -1.49
N ASP A 251 -13.30 21.31 -2.31
CA ASP A 251 -14.34 21.98 -3.08
C ASP A 251 -13.91 22.06 -4.55
N ALA A 252 -13.06 21.12 -4.97
CA ALA A 252 -12.55 21.04 -6.34
C ALA A 252 -11.80 22.30 -6.74
N THR A 253 -11.06 22.88 -5.79
CA THR A 253 -10.30 24.11 -6.06
C THR A 253 -8.90 23.99 -5.48
N CYS A 254 -7.91 24.31 -6.30
CA CYS A 254 -6.54 24.56 -5.89
C CYS A 254 -6.25 26.04 -6.12
N ARG A 255 -5.85 26.74 -5.07
CA ARG A 255 -5.66 28.19 -5.12
C ARG A 255 -4.20 28.53 -4.90
N LEU A 256 -3.74 29.59 -5.58
CA LEU A 256 -2.39 30.10 -5.43
C LEU A 256 -2.43 31.38 -4.61
N PHE A 257 -1.60 31.45 -3.57
CA PHE A 257 -1.50 32.63 -2.72
C PHE A 257 -0.07 33.15 -2.74
N ASP A 258 0.07 34.47 -2.70
CA ASP A 258 1.38 35.13 -2.74
C ASP A 258 1.74 35.61 -1.34
N LEU A 259 2.94 35.24 -0.89
CA LEU A 259 3.36 35.56 0.47
C LEU A 259 3.58 37.06 0.67
N ARG A 260 3.92 37.80 -0.37
CA ARG A 260 4.26 39.20 -0.23
C ARG A 260 3.06 40.14 -0.32
N ALA A 261 1.88 39.63 -0.69
CA ALA A 261 0.71 40.49 -0.84
C ALA A 261 -0.51 40.01 -0.06
N ASP A 262 -0.50 38.81 0.51
CA ASP A 262 -1.64 38.27 1.25
C ASP A 262 -2.89 38.24 0.37
N GLN A 263 -2.79 37.50 -0.73
CA GLN A 263 -3.82 37.48 -1.76
C GLN A 263 -4.00 36.08 -2.30
N GLU A 264 -5.03 35.92 -3.11
CA GLU A 264 -5.26 34.70 -3.88
C GLU A 264 -5.00 35.06 -5.35
N LEU A 265 -3.85 34.62 -5.87
CA LEU A 265 -3.45 34.99 -7.21
C LEU A 265 -4.35 34.34 -8.26
N MET A 266 -4.58 33.03 -8.15
CA MET A 266 -5.35 32.34 -9.16
C MET A 266 -6.08 31.15 -8.55
N THR A 267 -7.13 30.71 -9.22
CA THR A 267 -7.91 29.54 -8.86
C THR A 267 -7.87 28.55 -10.02
N TYR A 268 -7.69 27.26 -9.71
CA TYR A 268 -7.59 26.22 -10.71
C TYR A 268 -8.78 25.29 -10.57
N SER A 269 -9.89 25.65 -11.22
CA SER A 269 -11.13 24.89 -11.12
C SER A 269 -11.75 24.76 -12.49
N HIS A 270 -12.48 23.67 -12.67
CA HIS A 270 -13.22 23.41 -13.90
C HIS A 270 -14.63 22.98 -13.54
N ASP A 271 -15.57 23.29 -14.43
CA ASP A 271 -16.96 22.94 -14.17
C ASP A 271 -17.20 21.44 -14.21
N ASN A 272 -16.28 20.67 -14.79
CA ASN A 272 -16.42 19.23 -14.90
C ASN A 272 -15.75 18.47 -13.78
N ILE A 273 -15.16 19.15 -12.80
CA ILE A 273 -14.54 18.52 -11.65
C ILE A 273 -15.32 18.91 -10.41
N ILE A 274 -15.89 17.92 -9.73
CA ILE A 274 -16.68 18.15 -8.53
C ILE A 274 -16.15 17.41 -7.32
N CYS A 275 -15.12 16.58 -7.46
CA CYS A 275 -14.56 15.86 -6.34
C CYS A 275 -13.58 16.75 -5.58
N GLY A 276 -13.01 16.22 -4.51
CA GLY A 276 -12.05 16.96 -3.72
C GLY A 276 -10.66 16.91 -4.31
N ILE A 277 -9.74 17.60 -3.65
CA ILE A 277 -8.34 17.66 -4.05
C ILE A 277 -7.52 17.20 -2.84
N THR A 278 -6.84 16.07 -2.99
CA THR A 278 -6.16 15.45 -1.85
C THR A 278 -4.71 15.88 -1.73
N SER A 279 -4.01 16.06 -2.85
CA SER A 279 -2.61 16.42 -2.83
C SER A 279 -2.35 17.51 -3.84
N VAL A 280 -1.31 18.30 -3.59
CA VAL A 280 -0.89 19.36 -4.50
C VAL A 280 0.63 19.41 -4.50
N SER A 281 1.19 19.80 -5.64
CA SER A 281 2.63 19.84 -5.81
C SER A 281 2.98 20.83 -6.91
N PHE A 282 4.26 21.20 -6.97
CA PHE A 282 4.76 22.14 -7.94
C PHE A 282 5.93 21.53 -8.71
N SER A 283 6.09 21.97 -9.95
CA SER A 283 7.25 21.60 -10.73
C SER A 283 8.45 22.45 -10.34
N LYS A 284 9.62 22.10 -10.86
CA LYS A 284 10.84 22.80 -10.48
C LYS A 284 10.81 24.25 -10.93
N SER A 285 10.28 24.51 -12.12
CA SER A 285 10.26 25.88 -12.64
C SER A 285 9.06 26.68 -12.18
N GLY A 286 8.06 26.03 -11.58
CA GLY A 286 6.86 26.72 -11.14
C GLY A 286 5.80 26.91 -12.20
N ARG A 287 6.05 26.48 -13.43
CA ARG A 287 5.05 26.63 -14.48
C ARG A 287 3.91 25.64 -14.34
N LEU A 288 4.17 24.47 -13.75
CA LEU A 288 3.18 23.41 -13.64
C LEU A 288 2.75 23.25 -12.19
N LEU A 289 1.44 23.17 -11.97
CA LEU A 289 0.85 22.84 -10.68
C LEU A 289 0.18 21.47 -10.81
N LEU A 290 0.61 20.52 -10.00
CA LEU A 290 0.09 19.15 -10.06
C LEU A 290 -0.82 18.91 -8.86
N ALA A 291 -2.01 18.37 -9.12
CA ALA A 291 -2.94 18.10 -8.04
C ALA A 291 -3.64 16.76 -8.27
N GLY A 292 -3.67 15.93 -7.24
CA GLY A 292 -4.42 14.68 -7.28
C GLY A 292 -5.82 14.87 -6.73
N TYR A 293 -6.79 14.28 -7.42
CA TYR A 293 -8.20 14.48 -7.11
C TYR A 293 -8.82 13.16 -6.66
N ASP A 294 -10.05 13.25 -6.17
CA ASP A 294 -10.80 12.09 -5.71
C ASP A 294 -11.50 11.35 -6.84
N ASP A 295 -11.46 11.88 -8.07
CA ASP A 295 -11.98 11.17 -9.23
C ASP A 295 -10.96 10.22 -9.83
N PHE A 296 -10.01 9.76 -9.02
CA PHE A 296 -8.97 8.80 -9.41
C PHE A 296 -8.00 9.41 -10.41
N ASN A 297 -7.92 10.73 -10.49
CA ASN A 297 -7.22 11.42 -11.55
C ASN A 297 -6.19 12.37 -10.96
N CYS A 298 -5.16 12.65 -11.74
CA CYS A 298 -4.20 13.70 -11.44
C CYS A 298 -4.24 14.73 -12.56
N ASN A 299 -4.25 16.00 -12.20
CA ASN A 299 -4.37 17.08 -13.15
C ASN A 299 -3.17 18.00 -13.04
N VAL A 300 -2.56 18.32 -14.18
CA VAL A 300 -1.45 19.25 -14.25
C VAL A 300 -1.95 20.51 -14.92
N TRP A 301 -1.68 21.66 -14.30
CA TRP A 301 -2.22 22.94 -14.69
C TRP A 301 -1.09 23.91 -15.01
N ASP A 302 -1.32 24.72 -16.03
CA ASP A 302 -0.44 25.85 -16.33
C ASP A 302 -0.56 26.86 -15.19
N ALA A 303 0.46 26.93 -14.34
CA ALA A 303 0.36 27.73 -13.12
C ALA A 303 0.28 29.23 -13.38
N LEU A 304 0.59 29.69 -14.59
CA LEU A 304 0.48 31.11 -14.90
C LEU A 304 -0.89 31.45 -15.50
N LYS A 305 -1.22 30.85 -16.64
CA LYS A 305 -2.55 30.97 -17.22
C LYS A 305 -3.38 29.81 -16.69
N ALA A 306 -4.38 30.12 -15.85
CA ALA A 306 -5.09 29.07 -15.13
C ALA A 306 -5.96 28.26 -16.09
N ASP A 307 -5.40 27.18 -16.63
CA ASP A 307 -6.16 26.28 -17.48
C ASP A 307 -5.52 24.91 -17.39
N ARG A 308 -6.30 23.88 -17.72
CA ARG A 308 -5.83 22.53 -17.60
C ARG A 308 -4.78 22.25 -18.67
N ALA A 309 -3.62 21.76 -18.24
CA ALA A 309 -2.53 21.46 -19.16
C ALA A 309 -2.43 19.99 -19.51
N GLY A 310 -2.81 19.11 -18.60
CA GLY A 310 -2.73 17.69 -18.90
C GLY A 310 -3.34 16.87 -17.78
N VAL A 311 -3.52 15.58 -18.07
CA VAL A 311 -4.18 14.67 -17.15
C VAL A 311 -3.40 13.37 -17.11
N LEU A 312 -3.18 12.86 -15.90
CA LEU A 312 -2.61 11.54 -15.66
C LEU A 312 -3.71 10.71 -15.02
N ALA A 313 -4.19 9.70 -15.75
CA ALA A 313 -5.42 9.02 -15.38
C ALA A 313 -5.22 7.52 -15.18
N GLY A 314 -4.08 7.11 -14.67
CA GLY A 314 -3.82 5.69 -14.56
C GLY A 314 -4.25 5.01 -13.27
N HIS A 315 -4.98 5.70 -12.41
CA HIS A 315 -5.25 5.19 -11.07
C HIS A 315 -6.69 4.71 -10.94
N ASP A 316 -6.88 3.66 -10.13
CA ASP A 316 -8.17 3.01 -9.98
C ASP A 316 -8.88 3.36 -8.69
N ASN A 317 -8.35 4.28 -7.90
CA ASN A 317 -9.00 4.70 -6.67
C ASN A 317 -8.53 6.11 -6.34
N ARG A 318 -8.96 6.62 -5.19
CA ARG A 318 -8.67 7.99 -4.81
C ARG A 318 -7.16 8.22 -4.74
N VAL A 319 -6.70 9.26 -5.42
CA VAL A 319 -5.29 9.64 -5.36
C VAL A 319 -5.07 10.43 -4.08
N SER A 320 -4.14 9.97 -3.25
CA SER A 320 -3.95 10.52 -1.92
C SER A 320 -2.76 11.45 -1.82
N CYS A 321 -1.62 11.08 -2.39
CA CYS A 321 -0.39 11.83 -2.20
C CYS A 321 0.27 12.10 -3.54
N LEU A 322 0.95 13.24 -3.62
CA LEU A 322 1.68 13.68 -4.80
C LEU A 322 3.05 14.17 -4.40
N GLY A 323 3.99 14.12 -5.34
CA GLY A 323 5.30 14.70 -5.10
C GLY A 323 6.08 14.86 -6.37
N VAL A 324 6.97 15.85 -6.38
CA VAL A 324 7.87 16.13 -7.49
C VAL A 324 9.29 16.09 -6.94
N THR A 325 10.17 15.39 -7.63
CA THR A 325 11.56 15.27 -7.20
C THR A 325 12.22 16.65 -7.14
N ASP A 326 13.32 16.72 -6.39
CA ASP A 326 14.03 17.98 -6.24
C ASP A 326 14.61 18.47 -7.56
N ASP A 327 14.94 17.55 -8.47
CA ASP A 327 15.43 17.93 -9.79
C ASP A 327 14.31 18.02 -10.82
N GLY A 328 13.06 17.84 -10.42
CA GLY A 328 11.95 17.92 -11.35
C GLY A 328 11.90 16.81 -12.36
N MET A 329 12.60 15.70 -12.11
CA MET A 329 12.68 14.64 -13.11
C MET A 329 11.35 13.91 -13.27
N ALA A 330 10.64 13.68 -12.18
CA ALA A 330 9.45 12.85 -12.23
C ALA A 330 8.43 13.34 -11.22
N VAL A 331 7.20 12.83 -11.38
CA VAL A 331 6.10 13.09 -10.46
C VAL A 331 5.58 11.76 -9.96
N ALA A 332 5.57 11.56 -8.65
CA ALA A 332 5.10 10.32 -8.06
C ALA A 332 3.75 10.54 -7.40
N THR A 333 2.82 9.64 -7.69
CA THR A 333 1.44 9.73 -7.21
C THR A 333 1.09 8.44 -6.50
N GLY A 334 0.63 8.54 -5.25
CA GLY A 334 0.21 7.39 -4.48
C GLY A 334 -1.30 7.47 -4.23
N SER A 335 -1.98 6.37 -4.53
CA SER A 335 -3.44 6.34 -4.47
C SER A 335 -3.91 5.21 -3.56
N TRP A 336 -5.23 5.11 -3.43
CA TRP A 336 -5.84 4.18 -2.47
C TRP A 336 -5.88 2.75 -3.00
N ASP A 337 -5.47 2.50 -4.23
CA ASP A 337 -5.35 1.12 -4.72
C ASP A 337 -4.02 0.49 -4.33
N SER A 338 -3.36 1.02 -3.31
CA SER A 338 -2.08 0.52 -2.83
C SER A 338 -1.01 0.59 -3.91
N PHE A 339 -1.04 1.65 -4.73
CA PHE A 339 -0.11 1.81 -5.83
C PHE A 339 0.47 3.21 -5.86
N LEU A 340 1.77 3.27 -6.16
CA LEU A 340 2.46 4.52 -6.49
C LEU A 340 2.94 4.44 -7.93
N LYS A 341 2.72 5.51 -8.67
CA LYS A 341 3.07 5.58 -10.08
C LYS A 341 3.97 6.77 -10.32
N ILE A 342 4.98 6.58 -11.15
CA ILE A 342 5.92 7.63 -11.53
C ILE A 342 5.59 8.07 -12.95
N TRP A 343 5.47 9.37 -13.15
CA TRP A 343 5.13 9.95 -14.44
C TRP A 343 6.18 10.97 -14.83
N ASN A 344 6.64 10.90 -16.08
CA ASN A 344 7.50 11.94 -16.63
C ASN A 344 7.57 11.81 -18.15
N ILE B 9 -12.69 35.39 26.91
CA ILE B 9 -11.84 36.11 27.85
C ILE B 9 -10.44 36.25 27.26
N ALA B 10 -9.56 35.31 27.60
CA ALA B 10 -8.20 35.34 27.06
C ALA B 10 -8.19 35.04 25.57
N GLN B 11 -9.15 34.25 25.08
CA GLN B 11 -9.20 33.94 23.65
C GLN B 11 -9.44 35.19 22.83
N ALA B 12 -10.33 36.07 23.30
CA ALA B 12 -10.59 37.32 22.58
C ALA B 12 -9.34 38.19 22.51
N ARG B 13 -8.60 38.29 23.61
CA ARG B 13 -7.37 39.08 23.62
C ARG B 13 -6.33 38.47 22.68
N LYS B 14 -6.22 37.14 22.68
CA LYS B 14 -5.28 36.48 21.78
C LYS B 14 -5.66 36.73 20.32
N LEU B 15 -6.96 36.65 20.00
CA LEU B 15 -7.39 36.92 18.63
C LEU B 15 -7.13 38.36 18.23
N VAL B 16 -7.37 39.30 19.15
CA VAL B 16 -7.13 40.71 18.85
C VAL B 16 -5.65 40.95 18.58
N GLU B 17 -4.78 40.38 19.43
CA GLU B 17 -3.35 40.53 19.21
C GLU B 17 -2.91 39.89 17.90
N GLN B 18 -3.47 38.72 17.59
CA GLN B 18 -3.13 38.04 16.34
C GLN B 18 -3.52 38.87 15.13
N LEU B 19 -4.73 39.45 15.14
CA LEU B 19 -5.16 40.27 14.02
C LEU B 19 -4.34 41.54 13.92
N LYS B 20 -3.93 42.10 15.07
CA LYS B 20 -3.06 43.27 15.04
C LYS B 20 -1.71 42.93 14.45
N MET B 21 -1.20 41.73 14.72
CA MET B 21 0.12 41.35 14.21
C MET B 21 0.11 41.24 12.68
N GLU B 22 -0.94 40.65 12.11
CA GLU B 22 -1.00 40.43 10.67
C GLU B 22 -1.48 41.66 9.90
N ALA B 23 -1.93 42.70 10.59
CA ALA B 23 -2.42 43.91 9.94
C ALA B 23 -1.33 44.95 9.75
N ASN B 24 -0.08 44.64 10.10
CA ASN B 24 1.04 45.57 10.02
C ASN B 24 2.18 44.96 9.24
N ILE B 25 1.86 44.37 8.10
CA ILE B 25 2.85 43.79 7.20
C ILE B 25 2.84 44.58 5.90
N ASP B 26 4.01 45.05 5.49
CA ASP B 26 4.12 45.82 4.25
C ASP B 26 3.72 44.98 3.05
N ARG B 27 2.58 45.32 2.44
CA ARG B 27 2.03 44.57 1.33
C ARG B 27 2.39 45.26 0.02
N ILE B 28 2.87 44.48 -0.94
CA ILE B 28 3.26 45.01 -2.23
C ILE B 28 2.13 44.83 -3.21
N LYS B 29 2.19 45.58 -4.32
CA LYS B 29 1.13 45.53 -5.32
C LYS B 29 1.09 44.15 -5.97
N VAL B 30 -0.12 43.70 -6.31
CA VAL B 30 -0.28 42.41 -6.97
C VAL B 30 0.25 42.45 -8.40
N SER B 31 0.36 43.63 -9.00
CA SER B 31 0.98 43.71 -10.31
C SER B 31 2.43 43.24 -10.25
N LYS B 32 3.17 43.71 -9.26
CA LYS B 32 4.45 43.09 -8.92
C LYS B 32 4.21 41.76 -8.23
N ALA B 33 5.23 40.91 -8.22
CA ALA B 33 5.18 39.58 -7.64
C ALA B 33 4.18 38.70 -8.38
N ALA B 34 3.54 39.24 -9.41
CA ALA B 34 2.87 38.44 -10.43
C ALA B 34 3.70 38.32 -11.68
N ALA B 35 4.41 39.39 -12.04
CA ALA B 35 5.44 39.32 -13.08
C ALA B 35 6.72 38.68 -12.56
N ASP B 36 6.94 38.69 -11.24
CA ASP B 36 8.09 37.98 -10.68
C ASP B 36 7.92 36.48 -10.85
N LEU B 37 6.70 35.97 -10.68
CA LEU B 37 6.45 34.56 -10.95
C LEU B 37 6.71 34.23 -12.40
N MET B 38 6.28 35.10 -13.31
CA MET B 38 6.53 34.88 -14.74
C MET B 38 8.02 34.93 -15.05
N ALA B 39 8.76 35.81 -14.36
CA ALA B 39 10.20 35.89 -14.57
C ALA B 39 10.90 34.63 -14.08
N TYR B 40 10.51 34.12 -12.90
CA TYR B 40 11.11 32.91 -12.38
C TYR B 40 10.68 31.67 -13.17
N CYS B 41 9.55 31.74 -13.87
CA CYS B 41 9.13 30.63 -14.71
C CYS B 41 9.75 30.67 -16.09
N GLU B 42 10.02 31.87 -16.64
CA GLU B 42 10.72 31.97 -17.91
C GLU B 42 12.15 31.48 -17.77
N ALA B 43 12.84 31.93 -16.73
CA ALA B 43 14.06 31.25 -16.30
C ALA B 43 13.68 29.91 -15.67
N HIS B 44 14.67 29.04 -15.55
CA HIS B 44 14.49 27.71 -14.96
C HIS B 44 13.54 26.87 -15.80
N ALA B 45 13.02 27.41 -16.89
CA ALA B 45 12.18 26.63 -17.79
C ALA B 45 13.00 25.58 -18.53
N LYS B 46 14.25 25.91 -18.86
CA LYS B 46 15.13 24.94 -19.49
C LYS B 46 15.55 23.84 -18.51
N GLU B 47 15.38 24.05 -17.21
CA GLU B 47 15.77 23.09 -16.19
C GLU B 47 14.60 22.26 -15.69
N ASP B 48 13.44 22.35 -16.34
CA ASP B 48 12.25 21.62 -15.91
C ASP B 48 12.01 20.44 -16.85
N PRO B 49 12.32 19.21 -16.43
CA PRO B 49 12.10 18.06 -17.32
C PRO B 49 10.66 17.84 -17.73
N LEU B 50 9.69 18.12 -16.87
CA LEU B 50 8.30 17.85 -17.20
C LEU B 50 7.76 18.84 -18.22
N LEU B 51 8.21 20.09 -18.14
CA LEU B 51 7.74 21.11 -19.08
C LEU B 51 8.12 20.76 -20.51
N THR B 52 9.42 20.73 -20.79
CA THR B 52 9.92 20.28 -22.08
C THR B 52 10.48 18.88 -21.89
N PRO B 53 9.83 17.85 -22.43
CA PRO B 53 10.28 16.47 -22.16
C PRO B 53 11.72 16.22 -22.58
N VAL B 54 12.58 15.96 -21.60
CA VAL B 54 13.99 15.68 -21.90
C VAL B 54 14.08 14.37 -22.67
N PRO B 55 14.92 14.27 -23.68
CA PRO B 55 15.04 13.03 -24.45
C PRO B 55 15.45 11.86 -23.56
N ALA B 56 15.36 10.66 -24.14
CA ALA B 56 15.61 9.43 -23.38
C ALA B 56 17.05 9.32 -22.91
N SER B 57 17.96 10.13 -23.44
CA SER B 57 19.34 10.10 -22.97
C SER B 57 19.43 10.54 -21.51
N GLU B 58 18.88 11.71 -21.20
CA GLU B 58 18.84 12.19 -19.82
C GLU B 58 17.45 11.96 -19.23
N ASN B 59 17.18 10.69 -18.93
CA ASN B 59 15.91 10.30 -18.33
C ASN B 59 16.08 9.00 -17.57
N PRO B 60 16.27 9.06 -16.25
CA PRO B 60 16.44 7.82 -15.48
C PRO B 60 15.23 6.90 -15.54
N PHE B 61 14.06 7.42 -15.89
CA PHE B 61 12.86 6.62 -15.99
C PHE B 61 12.49 6.34 -17.44
N VAL C 2 27.49 -4.42 18.65
CA VAL C 2 28.04 -4.84 17.36
C VAL C 2 29.32 -5.64 17.59
N GLN C 3 29.18 -6.95 17.60
CA GLN C 3 30.34 -7.84 17.73
C GLN C 3 30.12 -9.02 16.80
N LEU C 4 31.19 -9.49 16.16
CA LEU C 4 31.08 -10.45 15.09
C LEU C 4 32.11 -11.56 15.27
N VAL C 5 32.18 -12.14 16.47
CA VAL C 5 33.29 -13.02 16.82
C VAL C 5 33.17 -14.34 16.06
N GLU C 6 34.23 -15.14 16.10
CA GLU C 6 34.23 -16.42 15.42
C GLU C 6 35.23 -17.36 16.07
N SER C 7 35.05 -18.65 15.84
CA SER C 7 35.92 -19.66 16.42
C SER C 7 35.77 -20.96 15.64
N GLY C 8 36.74 -21.86 15.85
CA GLY C 8 36.70 -23.16 15.21
C GLY C 8 37.97 -23.50 14.46
N GLY C 9 39.06 -22.80 14.76
CA GLY C 9 40.32 -23.00 14.10
C GLY C 9 41.35 -23.67 14.99
N GLY C 10 42.57 -23.76 14.46
CA GLY C 10 43.66 -24.37 15.19
C GLY C 10 44.64 -25.08 14.29
N LEU C 11 45.00 -26.31 14.63
CA LEU C 11 45.89 -27.13 13.82
C LEU C 11 45.08 -28.27 13.22
N VAL C 12 45.06 -28.35 11.88
CA VAL C 12 44.28 -29.33 11.16
C VAL C 12 45.23 -30.13 10.27
N GLN C 13 45.15 -31.45 10.36
CA GLN C 13 45.96 -32.31 9.51
C GLN C 13 45.49 -32.20 8.07
N PRO C 14 46.34 -32.59 7.10
CA PRO C 14 45.95 -32.51 5.69
C PRO C 14 44.78 -33.40 5.32
N GLY C 15 44.17 -34.06 6.29
CA GLY C 15 43.04 -34.93 6.00
C GLY C 15 41.85 -34.20 5.41
N GLY C 16 41.70 -32.90 5.73
CA GLY C 16 40.62 -32.12 5.17
C GLY C 16 39.29 -32.29 5.88
N SER C 17 39.25 -31.94 7.16
CA SER C 17 38.02 -32.06 7.94
C SER C 17 38.08 -31.02 9.06
N ARG C 18 37.30 -29.94 8.91
CA ARG C 18 37.19 -28.93 9.95
C ARG C 18 35.90 -28.14 9.75
N LYS C 19 35.26 -27.81 10.85
CA LYS C 19 34.09 -26.94 10.88
C LYS C 19 34.46 -25.66 11.61
N LEU C 20 34.02 -24.51 11.08
CA LEU C 20 34.51 -23.23 11.60
C LEU C 20 33.37 -22.22 11.53
N SER C 21 32.98 -21.67 12.68
CA SER C 21 31.74 -20.92 12.79
C SER C 21 32.00 -19.49 13.26
N CYS C 22 30.98 -18.66 13.12
CA CYS C 22 31.06 -17.23 13.42
C CYS C 22 29.76 -16.80 14.07
N SER C 23 29.84 -16.26 15.29
CA SER C 23 28.69 -15.83 16.06
C SER C 23 28.65 -14.31 16.13
N ALA C 24 27.48 -13.75 15.82
CA ALA C 24 27.27 -12.31 15.76
C ALA C 24 26.28 -11.88 16.82
N SER C 25 26.58 -10.77 17.50
CA SER C 25 25.73 -10.20 18.53
C SER C 25 25.55 -8.72 18.28
N GLY C 26 24.36 -8.23 18.63
CA GLY C 26 24.00 -6.85 18.35
C GLY C 26 23.82 -6.55 16.89
N PHE C 27 23.21 -7.46 16.14
CA PHE C 27 23.11 -7.38 14.69
C PHE C 27 21.66 -7.49 14.24
N ALA C 28 21.47 -7.39 12.94
CA ALA C 28 20.26 -7.82 12.24
C ALA C 28 20.66 -8.98 11.35
N PHE C 29 21.44 -9.90 11.92
CA PHE C 29 22.11 -10.95 11.16
C PHE C 29 21.21 -11.63 10.14
N SER C 30 19.92 -11.76 10.44
CA SER C 30 19.00 -12.37 9.50
C SER C 30 18.71 -11.49 8.30
N SER C 31 19.09 -10.21 8.35
CA SER C 31 18.85 -9.29 7.25
C SER C 31 20.14 -8.76 6.63
N PHE C 32 21.28 -9.36 6.93
CA PHE C 32 22.58 -8.85 6.51
C PHE C 32 23.37 -9.95 5.82
N GLY C 33 24.02 -9.59 4.71
CA GLY C 33 24.87 -10.53 4.03
C GLY C 33 26.16 -10.77 4.77
N MET C 34 26.72 -11.97 4.60
CA MET C 34 27.92 -12.37 5.30
C MET C 34 28.99 -12.82 4.31
N HIS C 35 30.24 -12.54 4.66
CA HIS C 35 31.38 -12.89 3.84
C HIS C 35 32.44 -13.57 4.70
N TRP C 36 33.14 -14.51 4.09
CA TRP C 36 34.36 -15.10 4.63
C TRP C 36 35.52 -14.61 3.78
N VAL C 37 36.53 -14.00 4.42
CA VAL C 37 37.67 -13.41 3.73
C VAL C 37 38.95 -13.96 4.35
N ARG C 38 39.85 -14.45 3.51
CA ARG C 38 41.07 -15.08 3.99
C ARG C 38 42.27 -14.15 3.84
N GLN C 39 43.27 -14.36 4.70
CA GLN C 39 44.52 -13.61 4.65
C GLN C 39 45.66 -14.56 4.98
N ALA C 40 46.53 -14.81 4.01
CA ALA C 40 47.65 -15.70 4.25
C ALA C 40 48.66 -15.04 5.18
N PRO C 41 49.42 -15.83 5.93
CA PRO C 41 50.39 -15.25 6.86
C PRO C 41 51.47 -14.47 6.11
N GLU C 42 51.65 -13.21 6.52
CA GLU C 42 52.62 -12.31 5.90
C GLU C 42 52.38 -12.18 4.39
N LYS C 43 51.10 -12.17 4.00
CA LYS C 43 50.72 -12.05 2.60
C LYS C 43 49.46 -11.20 2.53
N GLY C 44 48.84 -11.16 1.34
CA GLY C 44 47.69 -10.33 1.10
C GLY C 44 46.39 -11.00 1.47
N LEU C 45 45.29 -10.30 1.17
CA LEU C 45 43.95 -10.77 1.46
C LEU C 45 43.34 -11.43 0.22
N GLU C 46 42.27 -12.19 0.44
CA GLU C 46 41.56 -12.86 -0.63
C GLU C 46 40.16 -13.19 -0.15
N TRP C 47 39.20 -13.17 -1.08
CA TRP C 47 37.79 -13.35 -0.75
C TRP C 47 37.40 -14.82 -0.89
N VAL C 48 36.75 -15.35 0.13
CA VAL C 48 36.43 -16.78 0.15
C VAL C 48 34.97 -17.02 -0.24
N ALA C 49 34.04 -16.48 0.54
CA ALA C 49 32.65 -16.88 0.33
C ALA C 49 31.69 -15.77 0.71
N TYR C 50 30.46 -15.88 0.23
CA TYR C 50 29.41 -14.92 0.50
C TYR C 50 28.05 -15.61 0.58
N ILE C 51 27.26 -15.23 1.57
CA ILE C 51 25.88 -15.69 1.74
C ILE C 51 24.99 -14.46 1.83
N SER C 52 23.91 -14.46 1.04
CA SER C 52 23.05 -13.29 0.94
C SER C 52 22.07 -13.23 2.11
N SER C 53 21.24 -12.19 2.12
CA SER C 53 20.19 -12.10 3.12
C SER C 53 19.25 -13.29 3.00
N GLY C 54 18.90 -13.88 4.14
CA GLY C 54 18.25 -15.17 4.09
C GLY C 54 19.20 -16.21 3.57
N SER C 55 18.97 -16.66 2.34
CA SER C 55 19.88 -17.57 1.65
C SER C 55 19.50 -17.57 0.17
N GLY C 56 20.11 -18.48 -0.59
CA GLY C 56 19.79 -18.63 -2.00
C GLY C 56 20.79 -18.01 -2.95
N THR C 57 21.74 -17.23 -2.44
CA THR C 57 22.78 -16.62 -3.29
C THR C 57 24.11 -16.85 -2.58
N ILE C 58 24.84 -17.87 -3.03
CA ILE C 58 26.09 -18.28 -2.41
C ILE C 58 27.16 -18.34 -3.50
N TYR C 59 28.32 -17.75 -3.22
CA TYR C 59 29.42 -17.71 -4.18
C TYR C 59 30.69 -18.24 -3.53
N TYR C 60 31.60 -18.71 -4.37
CA TYR C 60 32.86 -19.28 -3.91
C TYR C 60 33.97 -18.78 -4.82
N ALA C 61 35.21 -19.00 -4.40
CA ALA C 61 36.36 -18.66 -5.21
C ALA C 61 36.68 -19.81 -6.17
N ASP C 62 37.67 -19.60 -7.03
CA ASP C 62 38.11 -20.66 -7.91
C ASP C 62 38.96 -21.71 -7.19
N THR C 63 39.33 -21.47 -5.94
CA THR C 63 40.14 -22.38 -5.16
C THR C 63 39.35 -23.15 -4.11
N VAL C 64 38.42 -22.48 -3.43
CA VAL C 64 37.70 -23.09 -2.31
C VAL C 64 36.43 -23.80 -2.72
N LYS C 65 36.13 -23.85 -4.02
CA LYS C 65 34.87 -24.44 -4.46
C LYS C 65 34.88 -25.95 -4.22
N GLY C 66 33.85 -26.43 -3.53
CA GLY C 66 33.72 -27.84 -3.25
C GLY C 66 34.84 -28.42 -2.41
N PHE C 68 34.69 -26.04 0.28
CA PHE C 68 34.55 -25.15 1.43
C PHE C 68 33.13 -24.62 1.52
N THR C 69 32.17 -25.50 1.78
CA THR C 69 30.77 -25.09 1.79
C THR C 69 30.53 -24.08 2.91
N ILE C 70 29.51 -23.25 2.73
CA ILE C 70 29.19 -22.22 3.71
C ILE C 70 27.68 -22.14 3.85
N SER C 71 27.21 -22.07 5.10
CA SER C 71 25.80 -22.09 5.42
C SER C 71 25.52 -21.08 6.53
N ARG C 72 24.24 -20.92 6.86
CA ARG C 72 23.83 -19.95 7.85
C ARG C 72 22.83 -20.56 8.82
N ASP C 73 22.79 -20.01 10.04
CA ASP C 73 21.81 -20.38 11.06
C ASP C 73 21.29 -19.07 11.64
N ASP C 74 20.16 -18.60 11.11
CA ASP C 74 19.60 -17.32 11.53
C ASP C 74 19.16 -17.30 12.99
N PRO C 75 18.39 -18.29 13.50
CA PRO C 75 17.93 -18.18 14.89
C PRO C 75 19.07 -18.10 15.90
N LYS C 76 20.16 -18.80 15.66
CA LYS C 76 21.31 -18.78 16.55
C LYS C 76 22.36 -17.76 16.14
N ASN C 77 22.16 -17.06 15.03
CA ASN C 77 23.08 -16.03 14.54
C ASN C 77 24.48 -16.59 14.34
N THR C 78 24.58 -17.64 13.52
CA THR C 78 25.85 -18.34 13.34
C THR C 78 26.09 -18.66 11.87
N LEU C 79 27.18 -18.16 11.33
CA LEU C 79 27.59 -18.48 9.96
C LEU C 79 28.61 -19.61 10.00
N PHE C 80 28.37 -20.67 9.23
CA PHE C 80 29.17 -21.88 9.29
C PHE C 80 29.97 -22.06 7.99
N LEU C 81 31.20 -22.56 8.14
CA LEU C 81 32.04 -22.91 7.00
C LEU C 81 32.57 -24.33 7.21
N GLN C 82 32.31 -25.20 6.25
CA GLN C 82 32.79 -26.59 6.25
C GLN C 82 33.95 -26.69 5.27
N MET C 83 35.10 -27.12 5.77
CA MET C 83 36.29 -27.32 4.96
C MET C 83 36.39 -28.79 4.60
N THR C 84 36.19 -29.11 3.32
CA THR C 84 36.28 -30.49 2.87
C THR C 84 37.69 -30.88 2.44
N SER C 85 38.62 -29.93 2.38
CA SER C 85 40.01 -30.22 2.03
C SER C 85 40.93 -29.39 2.91
N LEU C 86 42.12 -29.93 3.15
CA LEU C 86 43.11 -29.24 3.97
C LEU C 86 44.41 -29.05 3.19
N ARG C 87 44.31 -28.57 1.96
CA ARG C 87 45.50 -28.27 1.18
C ARG C 87 46.35 -27.23 1.91
N SER C 88 47.67 -27.35 1.73
CA SER C 88 48.60 -26.51 2.48
C SER C 88 48.49 -25.04 2.12
N GLU C 89 47.82 -24.71 1.02
CA GLU C 89 47.68 -23.31 0.61
C GLU C 89 46.54 -22.59 1.33
N ASP C 90 45.80 -23.28 2.18
CA ASP C 90 44.65 -22.70 2.87
C ASP C 90 44.95 -22.31 4.31
N THR C 91 46.23 -22.28 4.70
CA THR C 91 46.61 -21.93 6.07
C THR C 91 46.56 -20.41 6.27
N ALA C 92 45.37 -19.85 6.07
CA ALA C 92 45.16 -18.42 6.15
C ALA C 92 44.21 -18.08 7.29
N MET C 93 44.42 -16.91 7.88
CA MET C 93 43.47 -16.38 8.86
C MET C 93 42.14 -16.08 8.17
N TYR C 94 41.05 -16.44 8.83
CA TYR C 94 39.71 -16.28 8.28
C TYR C 94 38.97 -15.20 9.04
N TYR C 95 38.43 -14.22 8.32
CA TYR C 95 37.75 -13.07 8.89
C TYR C 95 36.31 -13.07 8.42
N CYS C 96 35.39 -12.91 9.37
CA CYS C 96 34.00 -12.67 9.01
C CYS C 96 33.82 -11.22 8.61
N VAL C 97 32.94 -10.99 7.64
CA VAL C 97 32.66 -9.65 7.14
C VAL C 97 31.15 -9.49 7.07
N ARG C 98 30.65 -8.40 7.63
CA ARG C 98 29.25 -8.06 7.51
C ARG C 98 29.08 -7.09 6.34
N SER C 99 28.16 -7.40 5.44
CA SER C 99 27.95 -6.56 4.27
C SER C 99 26.49 -6.59 3.88
N ILE C 100 25.89 -5.41 3.73
CA ILE C 100 24.50 -5.29 3.33
C ILE C 100 24.45 -4.53 2.01
N TYR C 101 23.56 -4.94 1.12
CA TYR C 101 23.47 -4.38 -0.22
C TYR C 101 22.08 -3.83 -0.46
N TYR C 102 21.92 -2.53 -0.22
CA TYR C 102 20.80 -1.76 -0.72
C TYR C 102 21.37 -0.47 -1.28
N TYR C 103 20.50 0.37 -1.84
CA TYR C 103 20.97 1.63 -2.37
C TYR C 103 21.52 2.49 -1.24
N GLY C 104 22.75 2.97 -1.41
CA GLY C 104 23.40 3.77 -0.41
C GLY C 104 24.00 3.01 0.74
N SER C 105 23.99 1.69 0.71
CA SER C 105 24.54 0.91 1.80
C SER C 105 26.07 0.97 1.80
N SER C 106 26.66 0.40 2.84
CA SER C 106 28.12 0.39 3.00
C SER C 106 28.55 -1.05 3.23
N PRO C 107 28.72 -1.82 2.16
CA PRO C 107 29.17 -3.21 2.31
C PRO C 107 30.54 -3.28 2.98
N PHE C 108 30.77 -4.39 3.69
CA PHE C 108 32.02 -4.62 4.41
C PHE C 108 32.21 -3.60 5.51
N ASP C 109 31.13 -3.31 6.24
CA ASP C 109 31.17 -2.28 7.27
C ASP C 109 31.98 -2.73 8.48
N PHE C 110 31.55 -3.80 9.13
CA PHE C 110 32.20 -4.29 10.34
C PHE C 110 32.84 -5.65 10.08
N TRP C 111 34.00 -5.86 10.69
CA TRP C 111 34.75 -7.10 10.54
C TRP C 111 34.90 -7.75 11.91
N GLY C 112 34.92 -9.08 11.92
CA GLY C 112 35.15 -9.85 13.13
C GLY C 112 36.59 -9.78 13.55
N GLN C 113 37.06 -10.82 14.22
CA GLN C 113 38.46 -10.97 14.58
C GLN C 113 38.92 -12.34 14.14
N GLY C 114 39.91 -12.39 13.25
CA GLY C 114 40.22 -13.62 12.56
C GLY C 114 40.66 -14.73 13.50
N THR C 115 40.38 -15.96 13.10
CA THR C 115 40.84 -17.15 13.79
C THR C 115 41.83 -17.87 12.88
N THR C 116 43.02 -18.13 13.40
CA THR C 116 44.07 -18.76 12.61
C THR C 116 43.91 -20.28 12.64
N LEU C 117 43.90 -20.90 11.47
CA LEU C 117 43.90 -22.36 11.37
C LEU C 117 45.05 -22.76 10.45
N THR C 118 46.22 -22.96 11.06
CA THR C 118 47.41 -23.35 10.30
C THR C 118 47.27 -24.76 9.79
N VAL C 119 47.58 -24.95 8.52
CA VAL C 119 47.50 -26.25 7.86
C VAL C 119 48.92 -26.66 7.46
N SER C 120 49.35 -27.82 7.96
CA SER C 120 50.69 -28.31 7.68
C SER C 120 50.79 -28.86 6.26
N SER C 137 36.53 -11.65 -15.94
CA SER C 137 36.97 -12.83 -15.20
C SER C 137 38.24 -12.55 -14.39
N ASP C 138 38.09 -12.49 -13.07
CA ASP C 138 39.19 -12.22 -12.15
C ASP C 138 39.87 -10.89 -12.48
N ILE C 139 39.11 -9.82 -12.32
CA ILE C 139 39.61 -8.47 -12.60
C ILE C 139 40.79 -8.18 -11.69
N VAL C 140 41.96 -7.98 -12.29
CA VAL C 140 43.20 -7.92 -11.54
C VAL C 140 43.37 -6.54 -10.93
N MET C 141 43.63 -6.51 -9.63
CA MET C 141 43.92 -5.28 -8.91
C MET C 141 45.42 -5.22 -8.67
N THR C 142 46.04 -4.11 -9.09
CA THR C 142 47.48 -3.94 -8.97
C THR C 142 47.75 -2.77 -8.04
N GLN C 143 48.53 -3.03 -6.99
CA GLN C 143 49.03 -2.00 -6.08
C GLN C 143 50.53 -2.26 -5.95
N ALA C 144 51.31 -1.70 -6.89
CA ALA C 144 52.72 -2.05 -6.97
C ALA C 144 53.49 -1.62 -5.73
N THR C 145 53.31 -0.38 -5.31
CA THR C 145 54.06 0.14 -4.17
C THR C 145 53.64 -0.58 -2.89
N SER C 146 54.64 -0.91 -2.07
CA SER C 146 54.37 -1.63 -0.84
C SER C 146 55.22 -1.18 0.34
N SER C 147 56.09 -0.18 0.17
CA SER C 147 56.99 0.25 1.23
C SER C 147 57.09 1.77 1.26
N VAL C 148 55.94 2.44 1.18
CA VAL C 148 55.93 3.90 1.14
C VAL C 148 56.41 4.45 2.48
N PRO C 149 57.51 5.21 2.52
CA PRO C 149 57.98 5.77 3.79
C PRO C 149 57.41 7.14 4.05
N VAL C 150 56.80 7.33 5.23
CA VAL C 150 56.19 8.61 5.59
C VAL C 150 56.56 8.94 7.02
N THR C 151 56.43 10.24 7.35
CA THR C 151 56.63 10.76 8.69
C THR C 151 55.34 11.40 9.18
N PRO C 152 55.10 11.40 10.50
CA PRO C 152 53.84 11.93 11.01
C PRO C 152 53.66 13.39 10.61
N GLY C 153 52.41 13.75 10.28
CA GLY C 153 52.10 15.08 9.82
C GLY C 153 52.25 15.29 8.34
N GLU C 154 52.74 14.31 7.59
CA GLU C 154 52.89 14.42 6.15
C GLU C 154 51.63 13.92 5.46
N SER C 155 51.69 13.78 4.14
CA SER C 155 50.55 13.30 3.35
C SER C 155 50.97 12.09 2.53
N VAL C 156 50.07 11.11 2.45
CA VAL C 156 50.34 9.85 1.76
C VAL C 156 49.34 9.70 0.62
N SER C 157 49.77 9.04 -0.45
CA SER C 157 48.90 8.76 -1.58
C SER C 157 49.20 7.35 -2.10
N ILE C 158 48.22 6.46 -1.99
CA ILE C 158 48.36 5.09 -2.48
C ILE C 158 47.57 4.96 -3.77
N SER C 159 48.07 4.15 -4.68
CA SER C 159 47.45 3.97 -6.00
C SER C 159 47.10 2.51 -6.22
N CYS C 160 45.89 2.26 -6.72
CA CYS C 160 45.47 0.94 -7.15
C CYS C 160 44.95 1.05 -8.57
N ARG C 161 45.09 -0.04 -9.33
CA ARG C 161 44.71 -0.06 -10.73
C ARG C 161 43.86 -1.28 -11.03
N SER C 162 42.94 -1.13 -11.97
CA SER C 162 41.99 -2.18 -12.33
C SER C 162 42.26 -2.64 -13.75
N SER C 163 42.34 -3.96 -13.94
CA SER C 163 42.52 -4.52 -15.28
C SER C 163 41.31 -4.26 -16.16
N LYS C 164 40.13 -4.11 -15.56
CA LYS C 164 38.93 -3.74 -16.28
C LYS C 164 38.46 -2.38 -15.77
N SER C 165 37.28 -1.97 -16.24
CA SER C 165 36.72 -0.67 -15.88
C SER C 165 35.69 -0.88 -14.77
N LEU C 166 36.02 -0.41 -13.57
CA LEU C 166 35.09 -0.47 -12.44
C LEU C 166 34.12 0.72 -12.49
N LEU C 167 33.38 0.78 -13.60
CA LEU C 167 32.40 1.85 -13.81
C LEU C 167 31.25 1.25 -14.60
N HIS C 168 30.22 0.80 -13.89
CA HIS C 168 29.04 0.26 -14.54
C HIS C 168 28.27 1.37 -15.23
N SER C 169 27.34 0.97 -16.11
CA SER C 169 26.55 1.95 -16.83
C SER C 169 25.68 2.79 -15.91
N ASN C 170 25.48 2.37 -14.68
CA ASN C 170 24.72 3.13 -13.71
C ASN C 170 25.54 4.20 -13.01
N GLY C 171 26.79 4.38 -13.41
CA GLY C 171 27.64 5.41 -12.84
C GLY C 171 27.99 5.18 -11.38
N ASN C 172 28.33 3.96 -11.01
CA ASN C 172 28.67 3.60 -9.63
C ASN C 172 29.97 2.81 -9.66
N THR C 173 31.08 3.48 -9.34
CA THR C 173 32.34 2.78 -9.22
C THR C 173 32.31 1.85 -8.02
N TYR C 174 33.06 0.75 -8.12
CA TYR C 174 32.98 -0.32 -7.14
C TYR C 174 34.37 -0.68 -6.61
N LEU C 175 35.13 0.34 -6.20
CA LEU C 175 36.41 0.16 -5.55
C LEU C 175 36.28 0.38 -4.05
N TYR C 176 36.90 -0.50 -3.27
CA TYR C 176 36.86 -0.45 -1.82
C TYR C 176 38.26 -0.34 -1.26
N TRP C 177 38.44 0.53 -0.28
CA TRP C 177 39.70 0.72 0.41
C TRP C 177 39.55 0.28 1.86
N PHE C 178 40.41 -0.65 2.28
CA PHE C 178 40.40 -1.20 3.64
C PHE C 178 41.73 -0.94 4.32
N LEU C 179 41.69 -0.85 5.64
CA LEU C 179 42.85 -0.61 6.49
C LEU C 179 42.97 -1.73 7.51
N GLN C 180 44.19 -2.26 7.66
CA GLN C 180 44.47 -3.29 8.65
C GLN C 180 45.71 -2.88 9.42
N ARG C 181 45.51 -2.38 10.64
CA ARG C 181 46.62 -2.04 11.51
C ARG C 181 47.25 -3.32 12.06
N PRO C 182 48.52 -3.27 12.45
CA PRO C 182 49.20 -4.50 12.92
C PRO C 182 48.49 -5.11 14.11
N GLY C 183 48.35 -6.43 14.07
CA GLY C 183 47.65 -7.17 15.12
C GLY C 183 46.20 -6.76 15.28
N GLN C 184 45.50 -6.55 14.17
CA GLN C 184 44.13 -6.09 14.22
C GLN C 184 43.40 -6.53 12.96
N SER C 185 42.08 -6.56 13.06
CA SER C 185 41.24 -6.91 11.92
C SER C 185 41.11 -5.74 10.97
N PRO C 186 40.91 -6.00 9.68
CA PRO C 186 40.73 -4.90 8.71
C PRO C 186 39.50 -4.07 9.04
N GLN C 187 39.62 -2.77 8.82
CA GLN C 187 38.54 -1.81 9.07
C GLN C 187 38.21 -1.09 7.78
N LEU C 188 36.92 -0.96 7.49
CA LEU C 188 36.49 -0.30 6.26
C LEU C 188 36.89 1.17 6.28
N LEU C 189 37.44 1.63 5.15
CA LEU C 189 37.87 3.01 5.00
C LEU C 189 37.09 3.75 3.93
N ILE C 190 37.02 3.20 2.72
CA ILE C 190 36.32 3.83 1.61
C ILE C 190 35.52 2.77 0.89
N TYR C 191 34.27 3.08 0.55
CA TYR C 191 33.46 2.20 -0.28
C TYR C 191 33.01 2.94 -1.53
N ARG C 192 33.10 2.25 -2.67
CA ARG C 192 32.77 2.80 -3.99
C ARG C 192 33.65 3.99 -4.35
N MET C 193 34.90 3.98 -3.85
CA MET C 193 35.99 4.83 -4.31
C MET C 193 35.85 6.30 -3.90
N SER C 194 34.68 6.68 -3.39
CA SER C 194 34.45 8.09 -3.05
C SER C 194 33.81 8.31 -1.69
N ASN C 195 33.10 7.33 -1.14
CA ASN C 195 32.35 7.53 0.10
C ASN C 195 33.12 7.00 1.29
N LEU C 196 33.23 7.83 2.33
CA LEU C 196 33.95 7.46 3.54
C LEU C 196 33.09 6.57 4.42
N ALA C 197 33.73 5.61 5.08
CA ALA C 197 33.02 4.71 5.97
C ALA C 197 32.61 5.44 7.24
N SER C 198 31.60 4.89 7.91
CA SER C 198 31.12 5.47 9.16
C SER C 198 32.16 5.34 10.26
N GLY C 199 32.33 6.41 11.03
CA GLY C 199 33.26 6.39 12.15
C GLY C 199 34.72 6.29 11.76
N VAL C 200 35.11 6.94 10.67
CA VAL C 200 36.52 6.99 10.27
C VAL C 200 36.91 8.46 10.14
N PRO C 201 38.17 8.80 10.35
CA PRO C 201 38.58 10.22 10.24
C PRO C 201 38.31 10.76 8.84
N ASP C 202 37.95 12.05 8.80
CA ASP C 202 37.70 12.72 7.54
C ASP C 202 38.96 12.97 6.72
N ARG C 203 40.14 12.73 7.30
CA ARG C 203 41.39 12.99 6.61
C ARG C 203 41.61 12.05 5.44
N PHE C 204 40.91 10.93 5.38
CA PHE C 204 41.01 10.00 4.26
C PHE C 204 40.10 10.44 3.13
N SER C 205 40.56 10.25 1.89
CA SER C 205 39.75 10.57 0.73
C SER C 205 40.12 9.64 -0.41
N GLY C 206 39.17 9.43 -1.31
CA GLY C 206 39.39 8.56 -2.45
C GLY C 206 38.95 9.22 -3.73
N SER C 207 39.79 9.11 -4.76
CA SER C 207 39.49 9.70 -6.06
C SER C 207 39.85 8.72 -7.15
N GLY C 208 39.30 8.94 -8.33
CA GLY C 208 39.59 8.08 -9.46
C GLY C 208 38.76 8.49 -10.65
N SER C 209 39.04 7.83 -11.78
CA SER C 209 38.27 8.04 -13.00
C SER C 209 38.03 6.74 -13.75
N GLY C 210 38.28 5.59 -13.15
CA GLY C 210 38.17 4.32 -13.84
C GLY C 210 39.53 3.79 -14.24
N THR C 211 39.75 2.50 -14.00
CA THR C 211 40.98 1.80 -14.38
C THR C 211 42.18 2.29 -13.58
N ALA C 212 41.98 3.30 -12.73
CA ALA C 212 43.04 3.84 -11.91
C ALA C 212 42.43 4.70 -10.82
N PHE C 213 42.75 4.40 -9.56
CA PHE C 213 42.21 5.14 -8.43
C PHE C 213 43.30 5.35 -7.40
N THR C 214 43.11 6.39 -6.58
CA THR C 214 44.07 6.72 -5.53
C THR C 214 43.34 7.05 -4.25
N LEU C 215 44.02 6.78 -3.13
CA LEU C 215 43.55 7.11 -1.80
C LEU C 215 44.56 8.04 -1.16
N THR C 216 44.09 9.21 -0.71
CA THR C 216 44.93 10.25 -0.14
C THR C 216 44.64 10.40 1.34
N ILE C 217 45.70 10.43 2.15
CA ILE C 217 45.61 10.66 3.58
C ILE C 217 46.36 11.96 3.87
N SER C 218 45.68 12.89 4.52
CA SER C 218 46.25 14.19 4.86
C SER C 218 46.43 14.29 6.36
N ARG C 219 47.59 14.77 6.78
CA ARG C 219 47.94 14.92 8.20
C ARG C 219 47.86 13.59 8.93
N LEU C 220 48.73 12.66 8.53
CA LEU C 220 48.80 11.36 9.16
C LEU C 220 49.07 11.51 10.65
N GLU C 221 48.28 10.83 11.47
CA GLU C 221 48.27 11.04 12.91
C GLU C 221 48.72 9.80 13.70
N ALA C 222 49.59 8.99 13.10
CA ALA C 222 50.24 7.83 13.71
C ALA C 222 49.27 6.71 14.05
N GLU C 223 47.97 6.90 13.86
CA GLU C 223 47.00 5.82 13.97
C GLU C 223 46.62 5.26 12.60
N ASP C 224 47.17 5.81 11.54
CA ASP C 224 46.91 5.34 10.18
C ASP C 224 47.95 4.36 9.68
N VAL C 225 48.94 4.02 10.50
CA VAL C 225 49.97 3.09 10.08
C VAL C 225 49.38 1.69 9.99
N GLY C 226 49.60 1.03 8.85
CA GLY C 226 49.09 -0.32 8.67
C GLY C 226 49.27 -0.76 7.23
N VAL C 227 48.41 -1.69 6.82
CA VAL C 227 48.41 -2.19 5.45
C VAL C 227 47.08 -1.81 4.81
N TYR C 228 47.14 -1.25 3.61
CA TYR C 228 45.97 -0.79 2.88
C TYR C 228 45.66 -1.75 1.74
N TYR C 229 44.37 -1.99 1.51
CA TYR C 229 43.94 -2.97 0.52
C TYR C 229 42.86 -2.38 -0.37
N CYS C 230 42.87 -2.78 -1.64
CA CYS C 230 41.84 -2.37 -2.60
C CYS C 230 41.05 -3.58 -3.08
N MET C 231 39.74 -3.37 -3.23
CA MET C 231 38.76 -4.38 -3.58
C MET C 231 37.95 -3.94 -4.79
N GLN C 232 37.60 -4.90 -5.64
CA GLN C 232 36.59 -4.74 -6.66
C GLN C 232 35.27 -5.31 -6.17
N HIS C 233 34.16 -4.75 -6.64
CA HIS C 233 32.86 -5.36 -6.40
C HIS C 233 32.00 -5.27 -7.65
N LEU C 234 32.59 -5.55 -8.81
CA LEU C 234 31.82 -5.64 -10.05
C LEU C 234 31.38 -7.08 -10.30
N GLU C 235 32.35 -7.98 -10.42
CA GLU C 235 32.08 -9.41 -10.62
C GLU C 235 32.26 -10.12 -9.29
N TYR C 236 31.34 -11.01 -8.97
CA TYR C 236 31.29 -11.62 -7.65
C TYR C 236 32.56 -12.38 -7.29
N PRO C 237 33.37 -12.84 -8.25
CA PRO C 237 34.75 -13.18 -7.89
C PRO C 237 35.47 -11.89 -7.52
N LEU C 238 35.63 -11.67 -6.22
CA LEU C 238 36.12 -10.41 -5.68
C LEU C 238 37.63 -10.51 -5.53
N THR C 239 38.34 -9.57 -6.13
CA THR C 239 39.79 -9.60 -6.15
C THR C 239 40.35 -8.52 -5.25
N PHE C 240 41.43 -8.85 -4.57
CA PHE C 240 42.10 -7.98 -3.62
C PHE C 240 43.32 -7.34 -4.25
N GLY C 241 43.74 -6.22 -3.66
CA GLY C 241 44.99 -5.61 -4.05
C GLY C 241 46.17 -6.33 -3.44
N ALA C 242 47.37 -5.92 -3.87
CA ALA C 242 48.58 -6.52 -3.34
C ALA C 242 48.75 -6.23 -1.86
N GLY C 243 48.44 -5.01 -1.45
CA GLY C 243 48.60 -4.62 -0.06
C GLY C 243 49.76 -3.68 0.15
N THR C 244 49.48 -2.40 0.29
CA THR C 244 50.51 -1.38 0.51
C THR C 244 50.66 -1.12 2.00
N LYS C 245 51.89 -1.16 2.48
CA LYS C 245 52.18 -0.98 3.90
C LYS C 245 52.87 0.36 4.10
N LEU C 246 52.38 1.14 5.06
CA LEU C 246 53.03 2.40 5.45
C LEU C 246 53.97 2.08 6.60
N GLU C 247 55.27 2.02 6.29
CA GLU C 247 56.25 1.60 7.28
C GLU C 247 56.50 2.66 8.35
N LEU C 248 56.20 3.93 8.06
CA LEU C 248 56.42 5.03 8.99
C LEU C 248 57.89 5.09 9.40
N LEU D 5 23.29 -6.07 -15.04
CA LEU D 5 23.34 -5.45 -13.72
C LEU D 5 24.64 -5.77 -13.01
N SER D 6 24.94 -5.02 -11.95
CA SER D 6 26.11 -5.26 -11.15
C SER D 6 25.79 -6.22 -10.01
N ALA D 7 26.80 -6.56 -9.22
CA ALA D 7 26.59 -7.45 -8.09
C ALA D 7 25.74 -6.78 -7.01
N GLU D 8 26.07 -5.53 -6.68
CA GLU D 8 25.32 -4.79 -5.67
C GLU D 8 23.92 -4.41 -6.14
N ASP D 9 23.61 -4.58 -7.41
CA ASP D 9 22.25 -4.41 -7.89
C ASP D 9 21.45 -5.71 -7.81
N LYS D 10 22.09 -6.83 -8.12
CA LYS D 10 21.43 -8.12 -7.94
C LYS D 10 21.12 -8.37 -6.47
N ALA D 11 22.05 -8.02 -5.58
CA ALA D 11 21.78 -8.21 -4.16
C ALA D 11 20.65 -7.30 -3.68
N ALA D 12 20.56 -6.09 -4.21
CA ALA D 12 19.44 -5.21 -3.88
C ALA D 12 18.13 -5.79 -4.37
N VAL D 13 18.13 -6.38 -5.58
CA VAL D 13 16.92 -7.03 -6.09
C VAL D 13 16.53 -8.18 -5.17
N GLU D 14 17.51 -8.94 -4.68
CA GLU D 14 17.21 -10.03 -3.77
C GLU D 14 16.62 -9.53 -2.46
N ARG D 15 17.17 -8.43 -1.93
CA ARG D 15 16.61 -7.85 -0.72
C ARG D 15 15.18 -7.41 -0.94
N SER D 16 14.91 -6.81 -2.11
CA SER D 16 13.54 -6.41 -2.43
C SER D 16 12.62 -7.61 -2.51
N LYS D 17 13.09 -8.71 -3.08
CA LYS D 17 12.28 -9.92 -3.15
C LYS D 17 11.99 -10.49 -1.76
N MET D 18 12.97 -10.46 -0.86
CA MET D 18 12.72 -10.90 0.51
C MET D 18 11.69 -9.99 1.20
N ILE D 19 11.81 -8.68 0.98
CA ILE D 19 10.81 -7.76 1.54
C ILE D 19 9.43 -8.09 1.00
N GLU D 20 9.34 -8.40 -0.29
CA GLU D 20 8.06 -8.76 -0.89
C GLU D 20 7.51 -10.05 -0.31
N LYS D 21 8.39 -11.03 -0.04
CA LYS D 21 7.95 -12.27 0.58
C LYS D 21 7.36 -12.02 1.96
N GLN D 22 8.05 -11.22 2.76
CA GLN D 22 7.53 -10.89 4.09
C GLN D 22 6.22 -10.13 3.98
N LEU D 23 6.11 -9.26 2.98
CA LEU D 23 4.87 -8.50 2.76
C LEU D 23 3.72 -9.42 2.38
N GLN D 24 3.99 -10.43 1.56
CA GLN D 24 2.99 -11.45 1.22
C GLN D 24 2.53 -12.18 2.47
N LYS D 25 3.49 -12.56 3.32
CA LYS D 25 3.14 -13.23 4.57
C LYS D 25 2.26 -12.34 5.44
N ASP D 26 2.57 -11.05 5.51
CA ASP D 26 1.76 -10.15 6.31
C ASP D 26 0.39 -9.89 5.68
N LYS D 27 0.29 -9.91 4.35
CA LYS D 27 -0.99 -9.68 3.71
C LYS D 27 -1.94 -10.85 3.95
N GLN D 28 -1.39 -12.06 4.04
CA GLN D 28 -2.23 -13.20 4.41
C GLN D 28 -2.90 -12.98 5.76
N VAL D 29 -2.14 -12.47 6.74
CA VAL D 29 -2.72 -12.18 8.06
C VAL D 29 -3.70 -11.01 7.99
N TYR D 30 -3.33 -9.97 7.24
CA TYR D 30 -4.14 -8.76 7.17
C TYR D 30 -5.51 -9.05 6.55
N ARG D 31 -5.55 -9.86 5.49
CA ARG D 31 -6.81 -10.15 4.83
C ARG D 31 -7.71 -11.07 5.64
N ALA D 32 -7.16 -11.79 6.61
CA ALA D 32 -7.94 -12.69 7.45
C ALA D 32 -8.37 -12.05 8.76
N THR D 33 -8.06 -10.78 8.99
CA THR D 33 -8.43 -10.07 10.19
C THR D 33 -9.45 -8.98 9.85
N HIS D 34 -10.59 -9.02 10.51
CA HIS D 34 -11.69 -8.11 10.23
C HIS D 34 -11.62 -6.93 11.18
N ARG D 35 -11.42 -5.74 10.62
CA ARG D 35 -11.23 -4.54 11.41
C ARG D 35 -12.58 -3.91 11.72
N LEU D 36 -12.83 -3.68 13.00
CA LEU D 36 -14.05 -3.05 13.48
C LEU D 36 -13.71 -1.71 14.08
N LEU D 37 -14.53 -0.70 13.80
CA LEU D 37 -14.35 0.62 14.38
C LEU D 37 -15.35 0.78 15.52
N LEU D 38 -14.87 0.80 16.76
CA LEU D 38 -15.73 0.94 17.92
C LEU D 38 -15.97 2.42 18.18
N LEU D 39 -17.17 2.90 17.85
CA LEU D 39 -17.51 4.31 17.92
C LEU D 39 -18.74 4.48 18.80
N GLY D 40 -18.53 4.80 20.07
CA GLY D 40 -19.63 5.00 20.98
C GLY D 40 -19.71 6.42 21.51
N ALA D 41 -19.94 6.56 22.82
CA ALA D 41 -20.02 7.86 23.46
C ALA D 41 -19.44 7.74 24.86
N ASP D 42 -19.30 8.90 25.51
CA ASP D 42 -18.73 8.93 26.86
C ASP D 42 -19.61 8.17 27.84
N ASN D 43 -20.93 8.42 27.79
CA ASN D 43 -21.84 7.73 28.69
C ASN D 43 -22.01 6.26 28.32
N SER D 44 -21.76 5.90 27.06
CA SER D 44 -21.90 4.51 26.64
C SER D 44 -20.83 3.65 27.28
N GLY D 45 -21.10 2.35 27.35
CA GLY D 45 -20.22 1.45 28.06
C GLY D 45 -19.15 0.80 27.19
N LYS D 46 -18.72 1.48 26.13
CA LYS D 46 -17.72 0.88 25.24
C LYS D 46 -16.44 0.56 25.99
N SER D 47 -16.05 1.42 26.94
CA SER D 47 -14.87 1.18 27.75
C SER D 47 -15.02 -0.01 28.66
N THR D 48 -16.25 -0.47 28.91
CA THR D 48 -16.47 -1.69 29.67
C THR D 48 -16.64 -2.91 28.79
N ILE D 49 -17.24 -2.74 27.61
CA ILE D 49 -17.30 -3.84 26.65
C ILE D 49 -15.89 -4.27 26.24
N VAL D 50 -15.02 -3.29 25.98
CA VAL D 50 -13.65 -3.64 25.61
C VAL D 50 -12.93 -4.33 26.77
N LYS D 51 -13.23 -3.93 28.01
CA LYS D 51 -12.57 -4.54 29.16
C LYS D 51 -13.05 -5.97 29.38
N GLN D 52 -14.35 -6.23 29.16
CA GLN D 52 -14.90 -7.55 29.46
C GLN D 52 -14.33 -8.63 28.56
N MET D 53 -14.04 -8.30 27.30
CA MET D 53 -13.39 -9.25 26.39
C MET D 53 -11.91 -8.97 26.22
N ARG D 54 -11.33 -8.12 27.06
CA ARG D 54 -9.91 -7.83 26.99
C ARG D 54 -9.09 -9.06 27.37
N SER D 182 -3.01 9.90 24.14
CA SER D 182 -3.01 8.44 24.12
C SER D 182 -3.13 7.92 22.70
N GLY D 183 -4.26 8.21 22.06
CA GLY D 183 -4.45 7.84 20.67
C GLY D 183 -5.47 6.75 20.46
N ILE D 184 -5.16 5.80 19.60
CA ILE D 184 -6.05 4.68 19.31
C ILE D 184 -5.73 3.53 20.26
N PHE D 185 -6.73 2.71 20.55
CA PHE D 185 -6.56 1.53 21.39
C PHE D 185 -6.98 0.32 20.58
N GLU D 186 -6.07 -0.62 20.38
CA GLU D 186 -6.35 -1.83 19.63
C GLU D 186 -6.70 -2.95 20.59
N THR D 187 -7.79 -3.67 20.28
CA THR D 187 -8.23 -4.82 21.07
C THR D 187 -8.42 -5.97 20.09
N LYS D 188 -7.56 -6.97 20.17
CA LYS D 188 -7.58 -8.10 19.24
C LYS D 188 -8.16 -9.31 19.96
N PHE D 189 -9.25 -9.85 19.43
CA PHE D 189 -9.84 -11.07 19.97
C PHE D 189 -10.14 -12.03 18.83
N GLN D 190 -10.74 -13.16 19.18
CA GLN D 190 -10.90 -14.26 18.22
C GLN D 190 -11.97 -15.19 18.75
N VAL D 191 -13.03 -15.44 17.96
CA VAL D 191 -14.16 -16.20 18.48
C VAL D 191 -14.15 -17.62 17.93
N ASP D 192 -14.43 -17.76 16.63
CA ASP D 192 -14.37 -19.08 15.98
C ASP D 192 -13.10 -19.19 15.14
N LYS D 193 -11.96 -19.10 15.81
CA LYS D 193 -10.65 -19.09 15.15
C LYS D 193 -10.58 -18.01 14.07
N VAL D 194 -11.32 -16.91 14.25
CA VAL D 194 -11.35 -15.80 13.31
C VAL D 194 -10.95 -14.54 14.07
N ASN D 195 -9.95 -13.82 13.54
CA ASN D 195 -9.38 -12.70 14.25
C ASN D 195 -10.17 -11.43 14.00
N PHE D 196 -10.58 -10.77 15.08
CA PHE D 196 -11.26 -9.49 15.04
C PHE D 196 -10.39 -8.46 15.74
N HIS D 197 -10.32 -7.26 15.16
CA HIS D 197 -9.43 -6.19 15.62
C HIS D 197 -10.25 -4.94 15.84
N MET D 198 -10.72 -4.70 17.07
CA MET D 198 -11.47 -3.51 17.38
C MET D 198 -10.53 -2.35 17.65
N PHE D 199 -10.98 -1.15 17.29
CA PHE D 199 -10.16 0.06 17.38
C PHE D 199 -10.96 1.14 18.09
N ASP D 200 -10.70 1.31 19.39
CA ASP D 200 -11.33 2.38 20.15
C ASP D 200 -10.61 3.69 19.87
N VAL D 201 -11.34 4.68 19.39
CA VAL D 201 -10.78 6.01 19.19
C VAL D 201 -10.78 6.74 20.52
N GLY D 202 -9.60 7.14 20.99
CA GLY D 202 -9.46 7.68 22.32
C GLY D 202 -9.19 9.17 22.36
N ALA D 203 -7.94 9.55 22.57
CA ALA D 203 -7.58 10.95 22.72
C ALA D 203 -7.66 11.63 21.36
N GLN D 204 -8.88 11.97 20.96
CA GLN D 204 -9.13 12.73 19.75
C GLN D 204 -10.08 13.86 20.08
N ARG D 205 -10.23 14.79 19.13
CA ARG D 205 -11.03 15.98 19.34
C ARG D 205 -12.52 15.62 19.24
N ASP D 206 -13.37 16.64 19.24
CA ASP D 206 -14.82 16.46 19.17
C ASP D 206 -15.34 16.39 17.74
N GLU D 207 -14.46 16.45 16.75
CA GLU D 207 -14.83 16.36 15.35
C GLU D 207 -14.25 15.10 14.76
N ARG D 208 -15.01 14.49 13.85
CA ARG D 208 -14.67 13.18 13.33
C ARG D 208 -14.71 13.10 11.82
N ARG D 209 -15.28 14.09 11.13
CA ARG D 209 -15.49 14.02 9.69
C ARG D 209 -14.20 13.83 8.91
N LYS D 210 -13.03 13.87 9.55
CA LYS D 210 -11.77 13.71 8.84
C LYS D 210 -11.18 12.31 8.96
N TRP D 211 -10.96 11.81 10.17
CA TRP D 211 -10.29 10.52 10.30
C TRP D 211 -11.19 9.34 9.99
N ILE D 212 -12.50 9.52 9.95
CA ILE D 212 -13.38 8.41 9.58
C ILE D 212 -13.16 7.96 8.14
N GLN D 213 -12.56 8.81 7.30
CA GLN D 213 -12.20 8.39 5.96
C GLN D 213 -11.21 7.24 5.98
N CYS D 214 -10.40 7.15 7.04
CA CYS D 214 -9.47 6.04 7.17
C CYS D 214 -10.18 4.71 7.39
N PHE D 215 -11.48 4.72 7.68
CA PHE D 215 -12.23 3.52 7.96
C PHE D 215 -13.24 3.20 6.86
N ASN D 216 -12.88 3.53 5.62
CA ASN D 216 -13.66 3.18 4.44
C ASN D 216 -13.52 1.70 4.07
N ASP D 217 -12.59 0.98 4.68
CA ASP D 217 -12.33 -0.42 4.35
C ASP D 217 -12.58 -1.35 5.52
N VAL D 218 -13.19 -0.86 6.59
CA VAL D 218 -13.43 -1.70 7.76
C VAL D 218 -14.69 -2.53 7.55
N THR D 219 -14.77 -3.65 8.27
CA THR D 219 -15.90 -4.55 8.11
C THR D 219 -17.17 -3.96 8.73
N ALA D 220 -17.06 -3.40 9.93
CA ALA D 220 -18.23 -2.85 10.59
C ALA D 220 -17.84 -1.73 11.54
N ILE D 221 -18.82 -0.89 11.84
CA ILE D 221 -18.72 0.14 12.85
C ILE D 221 -19.59 -0.29 14.02
N ILE D 222 -18.99 -0.60 15.14
CA ILE D 222 -19.73 -0.99 16.34
C ILE D 222 -20.14 0.28 17.07
N PHE D 223 -21.42 0.61 17.01
CA PHE D 223 -21.96 1.79 17.66
C PHE D 223 -22.61 1.36 18.97
N VAL D 224 -22.08 1.86 20.09
CA VAL D 224 -22.57 1.52 21.42
C VAL D 224 -23.35 2.71 21.96
N VAL D 225 -24.56 2.45 22.43
CA VAL D 225 -25.44 3.47 22.99
C VAL D 225 -25.90 3.01 24.37
N ASP D 226 -25.82 3.91 25.35
CA ASP D 226 -26.35 3.66 26.68
C ASP D 226 -27.84 4.01 26.67
N SER D 227 -28.67 3.05 27.09
CA SER D 227 -30.11 3.25 27.04
C SER D 227 -30.68 3.78 28.35
N SER D 228 -29.93 3.72 29.45
CA SER D 228 -30.41 4.25 30.70
C SER D 228 -30.57 5.76 30.64
N ASP D 229 -29.65 6.45 29.97
CA ASP D 229 -29.68 7.90 29.85
C ASP D 229 -30.56 8.26 28.66
N TYR D 230 -31.83 8.53 28.94
CA TYR D 230 -32.73 8.97 27.88
C TYR D 230 -32.39 10.37 27.40
N ASN D 231 -31.88 11.22 28.29
CA ASN D 231 -31.59 12.60 27.94
C ASN D 231 -30.55 12.67 26.83
N ARG D 232 -29.48 11.90 26.95
CA ARG D 232 -28.44 11.84 25.92
C ARG D 232 -28.69 10.67 24.97
N LEU D 233 -29.88 10.68 24.36
CA LEU D 233 -30.21 9.64 23.41
C LEU D 233 -30.58 10.29 22.08
N GLN D 234 -31.18 11.48 22.14
CA GLN D 234 -31.35 12.27 20.93
C GLN D 234 -30.00 12.70 20.38
N GLU D 235 -29.07 13.08 21.25
CA GLU D 235 -27.71 13.36 20.80
C GLU D 235 -27.07 12.11 20.23
N ALA D 236 -27.30 10.95 20.87
CA ALA D 236 -26.87 9.70 20.29
C ALA D 236 -27.64 9.40 19.01
N LEU D 237 -28.90 9.82 18.95
CA LEU D 237 -29.69 9.65 17.75
C LEU D 237 -29.09 10.43 16.59
N ASN D 238 -28.70 11.69 16.82
CA ASN D 238 -28.08 12.49 15.77
C ASN D 238 -26.58 12.29 15.76
N ASP D 239 -26.18 11.02 15.82
CA ASP D 239 -24.83 10.57 15.52
C ASP D 239 -24.82 9.32 14.67
N PHE D 240 -25.88 8.51 14.73
CA PHE D 240 -26.07 7.44 13.76
C PHE D 240 -26.31 8.01 12.37
N LYS D 241 -27.01 9.14 12.29
CA LYS D 241 -27.28 9.77 11.00
C LYS D 241 -26.01 10.37 10.41
N SER D 242 -25.10 10.86 11.25
CA SER D 242 -23.82 11.36 10.77
C SER D 242 -22.89 10.25 10.31
N ILE D 243 -23.16 9.01 10.69
CA ILE D 243 -22.38 7.86 10.25
C ILE D 243 -23.05 7.14 9.10
N TRP D 244 -24.36 6.92 9.20
CA TRP D 244 -25.10 6.23 8.15
C TRP D 244 -25.10 7.01 6.85
N ASN D 245 -25.26 8.33 6.93
CA ASN D 245 -25.42 9.18 5.76
C ASN D 245 -24.17 9.96 5.42
N ASN D 246 -22.99 9.37 5.61
CA ASN D 246 -21.74 10.06 5.36
C ASN D 246 -20.97 9.22 4.34
N ARG D 247 -20.33 9.88 3.39
CA ARG D 247 -19.59 9.18 2.36
C ARG D 247 -18.39 8.46 2.97
N TRP D 248 -17.65 7.73 2.13
CA TRP D 248 -16.59 6.83 2.57
C TRP D 248 -17.09 5.77 3.54
N LEU D 249 -18.42 5.65 3.70
CA LEU D 249 -19.00 4.69 4.63
C LEU D 249 -20.25 4.04 4.07
N ARG D 250 -20.51 4.16 2.77
CA ARG D 250 -21.74 3.63 2.21
C ARG D 250 -21.71 2.11 2.10
N THR D 251 -20.51 1.52 2.01
CA THR D 251 -20.37 0.07 2.00
C THR D 251 -20.09 -0.49 3.38
N ILE D 252 -20.12 0.34 4.42
CA ILE D 252 -19.77 -0.07 5.77
C ILE D 252 -21.05 -0.16 6.60
N SER D 253 -21.25 -1.30 7.25
CA SER D 253 -22.42 -1.54 8.06
C SER D 253 -22.16 -1.14 9.51
N VAL D 254 -23.24 -1.02 10.28
CA VAL D 254 -23.19 -0.59 11.66
C VAL D 254 -23.82 -1.66 12.55
N ILE D 255 -23.10 -2.06 13.59
CA ILE D 255 -23.57 -3.02 14.57
C ILE D 255 -23.99 -2.25 15.80
N LEU D 256 -25.27 -2.33 16.15
CA LEU D 256 -25.83 -1.53 17.23
C LEU D 256 -25.81 -2.30 18.53
N PHE D 257 -25.21 -1.71 19.57
CA PHE D 257 -25.12 -2.31 20.89
C PHE D 257 -25.79 -1.36 21.87
N LEU D 258 -27.03 -1.66 22.25
CA LEU D 258 -27.72 -0.92 23.30
C LEU D 258 -27.36 -1.58 24.62
N ASN D 259 -26.59 -0.87 25.45
CA ASN D 259 -25.79 -1.52 26.49
C ASN D 259 -26.24 -1.00 27.85
N LYS D 260 -27.54 -0.94 28.08
CA LYS D 260 -28.03 -0.61 29.42
C LYS D 260 -29.24 -1.46 29.79
N GLN D 261 -29.31 -2.69 29.31
CA GLN D 261 -30.55 -3.47 29.42
C GLN D 261 -30.95 -3.67 30.87
N ASP D 262 -30.01 -4.07 31.72
CA ASP D 262 -30.31 -4.17 33.14
C ASP D 262 -30.63 -2.80 33.73
N LEU D 263 -29.85 -1.78 33.37
CA LEU D 263 -30.15 -0.42 33.84
C LEU D 263 -31.47 0.08 33.29
N LEU D 264 -31.76 -0.23 32.03
CA LEU D 264 -33.05 0.16 31.44
C LEU D 264 -34.20 -0.47 32.20
N ALA D 265 -34.09 -1.77 32.53
CA ALA D 265 -35.14 -2.43 33.29
C ALA D 265 -35.28 -1.84 34.67
N GLU D 266 -34.14 -1.55 35.33
CA GLU D 266 -34.20 -0.94 36.66
C GLU D 266 -34.88 0.42 36.60
N LYS D 267 -34.63 1.19 35.55
CA LYS D 267 -35.24 2.51 35.44
C LYS D 267 -36.72 2.41 35.13
N VAL D 268 -37.12 1.54 34.20
CA VAL D 268 -38.51 1.48 33.77
C VAL D 268 -39.40 0.72 34.75
N LEU D 269 -38.83 -0.10 35.63
CA LEU D 269 -39.67 -0.72 36.66
C LEU D 269 -40.10 0.31 37.70
N ALA D 270 -39.30 1.35 37.91
CA ALA D 270 -39.67 2.44 38.78
C ALA D 270 -40.49 3.46 38.00
N GLY D 271 -40.85 4.57 38.64
CA GLY D 271 -41.64 5.58 37.99
C GLY D 271 -40.84 6.83 37.66
N LYS D 272 -39.62 6.92 38.19
CA LYS D 272 -38.78 8.08 37.89
C LYS D 272 -38.48 8.19 36.41
N SER D 273 -38.17 7.05 35.78
CA SER D 273 -37.98 7.04 34.33
C SER D 273 -39.32 7.21 33.63
N LYS D 274 -39.35 8.09 32.63
CA LYS D 274 -40.58 8.38 31.87
C LYS D 274 -40.16 8.63 30.43
N ILE D 275 -40.35 7.63 29.57
CA ILE D 275 -39.95 7.76 28.17
C ILE D 275 -40.75 8.85 27.48
N GLU D 276 -42.05 8.92 27.77
CA GLU D 276 -42.89 9.96 27.16
C GLU D 276 -42.40 11.35 27.51
N ASP D 277 -41.85 11.51 28.71
CA ASP D 277 -41.36 12.83 29.14
C ASP D 277 -40.21 13.29 28.24
N TYR D 278 -39.11 12.54 28.23
CA TYR D 278 -37.97 12.90 27.39
C TYR D 278 -38.33 12.81 25.92
N PHE D 279 -38.97 11.71 25.51
CA PHE D 279 -39.35 11.49 24.12
C PHE D 279 -40.86 11.39 23.98
N PRO D 280 -41.52 12.42 23.45
CA PRO D 280 -42.96 12.29 23.19
C PRO D 280 -43.26 11.29 22.09
N GLU D 281 -44.53 11.10 21.78
CA GLU D 281 -45.00 10.14 20.77
C GLU D 281 -44.64 8.70 21.12
N PHE D 282 -44.24 8.44 22.37
CA PHE D 282 -43.98 7.06 22.79
C PHE D 282 -45.28 6.27 22.92
N ALA D 283 -46.35 6.93 23.35
CA ALA D 283 -47.63 6.24 23.52
C ALA D 283 -48.14 5.68 22.21
N ARG D 284 -48.01 6.45 21.13
CA ARG D 284 -48.46 6.01 19.80
C ARG D 284 -47.46 5.02 19.20
N TYR D 285 -47.25 3.93 19.92
CA TYR D 285 -46.31 2.89 19.52
C TYR D 285 -46.54 1.62 20.33
N THR D 286 -46.61 0.48 19.67
CA THR D 286 -46.82 -0.80 20.32
C THR D 286 -45.68 -1.75 19.95
N THR D 287 -45.45 -2.73 20.82
CA THR D 287 -44.41 -3.71 20.58
C THR D 287 -44.70 -4.44 19.28
N PRO D 288 -43.75 -4.49 18.34
CA PRO D 288 -44.01 -5.15 17.06
C PRO D 288 -44.26 -6.64 17.25
N GLU D 289 -44.95 -7.23 16.28
CA GLU D 289 -45.22 -8.66 16.32
C GLU D 289 -43.93 -9.45 16.43
N ASP D 290 -42.86 -8.97 15.78
CA ASP D 290 -41.54 -9.59 15.89
C ASP D 290 -40.87 -9.06 17.14
N ALA D 291 -41.22 -9.63 18.28
CA ALA D 291 -40.60 -9.29 19.56
C ALA D 291 -40.28 -10.58 20.30
N THR D 292 -39.29 -10.51 21.18
CA THR D 292 -38.80 -11.70 21.89
C THR D 292 -38.27 -11.30 23.26
N PRO D 293 -39.15 -11.23 24.26
CA PRO D 293 -38.68 -11.14 25.65
C PRO D 293 -37.81 -12.34 26.00
N GLU D 294 -36.55 -12.11 26.37
CA GLU D 294 -35.63 -13.23 26.48
C GLU D 294 -35.99 -14.12 27.69
N PRO D 295 -35.85 -13.66 28.96
CA PRO D 295 -36.29 -14.52 30.05
C PRO D 295 -37.75 -14.27 30.40
N GLY D 296 -38.60 -14.19 29.38
CA GLY D 296 -39.95 -13.70 29.58
C GLY D 296 -39.98 -12.19 29.78
N GLU D 297 -38.85 -11.65 30.22
CA GLU D 297 -38.64 -10.22 30.51
C GLU D 297 -39.78 -9.73 31.39
N ASP D 298 -40.46 -8.64 31.04
CA ASP D 298 -41.52 -8.05 31.84
C ASP D 298 -42.18 -7.02 30.93
N PRO D 299 -43.51 -6.96 30.87
CA PRO D 299 -44.16 -5.92 30.06
C PRO D 299 -43.72 -4.53 30.46
N ARG D 300 -43.92 -3.58 29.53
CA ARG D 300 -43.49 -2.19 29.64
C ARG D 300 -41.97 -2.07 29.63
N VAL D 301 -41.27 -3.19 29.60
CA VAL D 301 -39.82 -3.19 29.44
C VAL D 301 -39.45 -3.52 28.00
N THR D 302 -40.07 -4.56 27.45
CA THR D 302 -39.81 -4.94 26.07
C THR D 302 -40.18 -3.80 25.12
N ARG D 303 -41.31 -3.14 25.37
CA ARG D 303 -41.66 -1.98 24.57
C ARG D 303 -40.64 -0.86 24.76
N ALA D 304 -40.11 -0.71 25.98
CA ALA D 304 -39.11 0.32 26.23
C ALA D 304 -37.86 0.09 25.39
N LYS D 305 -37.38 -1.15 25.33
CA LYS D 305 -36.24 -1.44 24.48
C LYS D 305 -36.58 -1.26 23.00
N TYR D 306 -37.76 -1.71 22.60
CA TYR D 306 -38.06 -1.75 21.19
C TYR D 306 -38.39 -0.39 20.62
N PHE D 307 -38.79 0.57 21.45
CA PHE D 307 -38.93 1.93 20.94
C PHE D 307 -37.59 2.50 20.49
N ILE D 308 -36.56 2.32 21.32
CA ILE D 308 -35.21 2.76 20.95
C ILE D 308 -34.71 2.01 19.74
N ARG D 309 -34.92 0.69 19.73
CA ARG D 309 -34.51 -0.12 18.59
C ARG D 309 -35.16 0.39 17.31
N ASP D 310 -36.48 0.66 17.36
CA ASP D 310 -37.19 1.10 16.18
C ASP D 310 -36.77 2.49 15.74
N GLU D 311 -36.46 3.36 16.70
CA GLU D 311 -36.01 4.70 16.33
C GLU D 311 -34.68 4.65 15.60
N PHE D 312 -33.74 3.88 16.13
CA PHE D 312 -32.44 3.73 15.46
C PHE D 312 -32.60 3.08 14.09
N LEU D 313 -33.43 2.05 13.99
CA LEU D 313 -33.62 1.38 12.71
C LEU D 313 -34.38 2.24 11.71
N ARG D 314 -35.23 3.15 12.17
CA ARG D 314 -35.86 4.09 11.25
C ARG D 314 -34.85 5.11 10.74
N ILE D 315 -33.93 5.55 11.61
CA ILE D 315 -32.84 6.39 11.14
C ILE D 315 -32.00 5.66 10.12
N SER D 316 -31.78 4.36 10.31
CA SER D 316 -30.94 3.57 9.42
C SER D 316 -31.70 2.94 8.26
N THR D 317 -33.00 3.16 8.15
CA THR D 317 -33.80 2.51 7.12
C THR D 317 -33.96 3.37 5.88
N ALA D 318 -34.50 4.58 6.03
CA ALA D 318 -34.84 5.41 4.88
C ALA D 318 -33.62 6.10 4.30
N SER D 319 -32.57 5.34 3.99
CA SER D 319 -31.38 5.84 3.32
C SER D 319 -30.46 4.67 3.03
N GLY D 320 -29.66 4.82 1.98
CA GLY D 320 -28.63 3.86 1.65
C GLY D 320 -29.14 2.43 1.49
N ASP D 321 -30.28 2.29 0.82
CA ASP D 321 -30.89 0.97 0.65
C ASP D 321 -30.06 0.15 -0.33
N GLY D 322 -29.68 -1.05 0.08
CA GLY D 322 -28.95 -1.94 -0.79
C GLY D 322 -27.45 -1.72 -0.85
N ARG D 323 -26.90 -1.01 0.09
CA ARG D 323 -25.44 -0.88 0.18
C ARG D 323 -24.90 -1.22 1.55
N HIS D 324 -25.64 -0.91 2.61
CA HIS D 324 -25.21 -1.19 3.97
C HIS D 324 -26.45 -1.38 4.84
N TYR D 325 -26.31 -2.20 5.88
CA TYR D 325 -27.43 -2.56 6.76
C TYR D 325 -27.02 -2.39 8.21
N CYS D 326 -28.02 -2.18 9.06
CA CYS D 326 -27.82 -2.01 10.50
C CYS D 326 -28.28 -3.26 11.23
N TYR D 327 -27.45 -3.75 12.14
CA TYR D 327 -27.74 -4.96 12.92
C TYR D 327 -27.92 -4.60 14.38
N PRO D 328 -29.13 -4.67 14.92
CA PRO D 328 -29.34 -4.30 16.33
C PRO D 328 -29.18 -5.48 17.28
N HIS D 329 -28.68 -5.18 18.48
CA HIS D 329 -28.46 -6.20 19.49
C HIS D 329 -28.61 -5.58 20.86
N PHE D 330 -29.40 -6.22 21.73
CA PHE D 330 -29.53 -5.80 23.11
C PHE D 330 -28.48 -6.52 23.95
N THR D 331 -27.78 -5.76 24.78
CA THR D 331 -26.62 -6.30 25.47
C THR D 331 -26.42 -5.56 26.79
N CYS D 332 -25.60 -6.14 27.65
CA CYS D 332 -25.17 -5.53 28.90
C CYS D 332 -23.65 -5.46 28.93
N SER D 333 -23.14 -4.54 29.76
CA SER D 333 -21.70 -4.29 29.79
C SER D 333 -20.94 -5.53 30.23
N VAL D 334 -21.43 -6.23 31.27
CA VAL D 334 -20.79 -7.44 31.76
C VAL D 334 -21.25 -8.68 31.00
N ASP D 335 -22.18 -8.54 30.07
CA ASP D 335 -22.72 -9.69 29.37
C ASP D 335 -21.66 -10.34 28.49
N THR D 336 -21.65 -11.67 28.47
CA THR D 336 -20.77 -12.42 27.60
C THR D 336 -21.44 -12.60 26.24
N GLU D 337 -20.79 -13.32 25.34
CA GLU D 337 -21.28 -13.61 23.99
C GLU D 337 -21.46 -12.35 23.14
N ASN D 338 -20.99 -11.20 23.62
CA ASN D 338 -20.97 -10.00 22.77
C ASN D 338 -20.06 -10.21 21.57
N ALA D 339 -18.90 -10.84 21.79
CA ALA D 339 -18.04 -11.19 20.67
C ALA D 339 -18.73 -12.15 19.72
N ARG D 340 -19.57 -13.05 20.25
CA ARG D 340 -20.34 -13.93 19.38
C ARG D 340 -21.31 -13.14 18.51
N ARG D 341 -21.94 -12.11 19.09
CA ARG D 341 -22.85 -11.27 18.31
C ARG D 341 -22.10 -10.53 17.22
N ILE D 342 -20.91 -10.00 17.54
CA ILE D 342 -20.09 -9.33 16.53
C ILE D 342 -19.71 -10.31 15.43
N PHE D 343 -19.36 -11.54 15.81
CA PHE D 343 -19.01 -12.56 14.83
C PHE D 343 -20.16 -12.86 13.90
N ASN D 344 -21.37 -13.02 14.45
CA ASN D 344 -22.54 -13.30 13.62
C ASN D 344 -22.83 -12.14 12.67
N ASP D 345 -22.78 -10.90 13.17
CA ASP D 345 -23.05 -9.76 12.31
C ASP D 345 -21.99 -9.61 11.22
N CYS D 346 -20.72 -9.85 11.55
CA CYS D 346 -19.67 -9.79 10.54
C CYS D 346 -19.87 -10.87 9.49
N ARG D 347 -20.28 -12.07 9.92
CA ARG D 347 -20.61 -13.13 8.97
C ARG D 347 -21.69 -12.67 8.02
N ASP D 348 -22.75 -12.05 8.55
CA ASP D 348 -23.84 -11.58 7.68
C ASP D 348 -23.37 -10.48 6.73
N ILE D 349 -22.57 -9.53 7.23
CA ILE D 349 -22.12 -8.42 6.40
C ILE D 349 -21.26 -8.93 5.25
N ILE D 350 -20.31 -9.81 5.56
CA ILE D 350 -19.43 -10.33 4.52
C ILE D 350 -20.22 -11.21 3.56
N GLN D 351 -21.21 -11.94 4.06
CA GLN D 351 -22.07 -12.73 3.19
C GLN D 351 -22.81 -11.86 2.19
N ARG D 352 -23.37 -10.74 2.67
CA ARG D 352 -24.10 -9.85 1.78
C ARG D 352 -23.18 -9.19 0.77
N MET D 353 -21.99 -8.76 1.20
CA MET D 353 -21.03 -8.16 0.28
C MET D 353 -20.59 -9.15 -0.79
N HIS D 354 -20.34 -10.40 -0.39
CA HIS D 354 -19.94 -11.42 -1.36
C HIS D 354 -21.07 -11.74 -2.32
N LEU D 355 -22.31 -11.77 -1.83
CA LEU D 355 -23.45 -11.96 -2.73
C LEU D 355 -23.56 -10.82 -3.72
N ARG D 356 -23.31 -9.59 -3.27
CA ARG D 356 -23.36 -8.44 -4.16
C ARG D 356 -22.19 -8.41 -5.13
N GLN D 357 -21.08 -9.07 -4.81
CA GLN D 357 -20.00 -9.19 -5.78
C GLN D 357 -20.46 -9.96 -7.00
N TYR D 358 -21.17 -11.06 -6.81
CA TYR D 358 -21.96 -11.65 -7.86
C TYR D 358 -23.19 -10.77 -8.12
N GLU D 359 -23.91 -11.04 -9.21
CA GLU D 359 -25.14 -10.31 -9.46
C GLU D 359 -26.33 -11.00 -8.81
N LEU D 360 -26.24 -11.23 -7.50
CA LEU D 360 -27.26 -11.97 -6.77
C LEU D 360 -28.18 -11.04 -6.00
N LEU D 361 -27.63 -10.20 -5.13
CA LEU D 361 -28.38 -9.07 -4.57
C LEU D 361 -27.46 -8.09 -3.85
N HIS E 286 -37.63 -35.50 -34.83
CA HIS E 286 -36.96 -35.27 -36.11
C HIS E 286 -35.69 -34.45 -35.93
N GLN E 287 -34.56 -35.01 -36.35
CA GLN E 287 -33.26 -34.36 -36.22
C GLN E 287 -33.01 -33.37 -37.36
N VAL E 288 -33.95 -32.43 -37.53
CA VAL E 288 -33.79 -31.38 -38.52
C VAL E 288 -33.67 -30.01 -37.87
N ALA E 289 -34.30 -29.78 -36.73
CA ALA E 289 -34.19 -28.50 -36.03
C ALA E 289 -33.22 -28.56 -34.86
N LEU E 290 -33.03 -29.73 -34.26
CA LEU E 290 -32.06 -29.87 -33.18
C LEU E 290 -30.64 -29.64 -33.67
N SER E 291 -30.40 -29.70 -34.97
CA SER E 291 -29.10 -29.37 -35.52
C SER E 291 -28.96 -27.87 -35.80
N SER E 292 -29.98 -27.25 -36.40
CA SER E 292 -29.89 -25.84 -36.73
C SER E 292 -29.89 -24.98 -35.47
N ILE E 293 -30.76 -25.31 -34.50
CA ILE E 293 -30.77 -24.57 -33.24
C ILE E 293 -29.43 -24.71 -32.54
N SER E 294 -28.90 -25.93 -32.47
CA SER E 294 -27.60 -26.13 -31.84
C SER E 294 -26.51 -25.36 -32.55
N TYR E 295 -26.51 -25.35 -33.88
CA TYR E 295 -25.47 -24.66 -34.62
C TYR E 295 -25.53 -23.16 -34.40
N VAL E 296 -26.72 -22.56 -34.49
CA VAL E 296 -26.81 -21.12 -34.31
C VAL E 296 -26.46 -20.74 -32.88
N GLY E 297 -26.93 -21.52 -31.90
CA GLY E 297 -26.61 -21.21 -30.51
C GLY E 297 -25.12 -21.32 -30.24
N CYS E 298 -24.51 -22.41 -30.69
CA CYS E 298 -23.09 -22.63 -30.49
C CYS E 298 -22.23 -21.61 -31.23
N SER E 299 -22.71 -21.11 -32.38
CA SER E 299 -22.00 -20.08 -33.12
C SER E 299 -22.06 -18.73 -32.43
N LEU E 300 -23.23 -18.34 -31.93
CA LEU E 300 -23.32 -17.13 -31.13
C LEU E 300 -22.50 -17.27 -29.85
N SER E 301 -22.37 -18.48 -29.34
CA SER E 301 -21.58 -18.74 -28.14
C SER E 301 -20.11 -18.38 -28.36
N VAL E 302 -19.56 -18.71 -29.53
CA VAL E 302 -18.15 -18.40 -29.80
C VAL E 302 -17.92 -16.89 -29.71
N LEU E 303 -18.76 -16.11 -30.38
CA LEU E 303 -18.59 -14.67 -30.37
C LEU E 303 -18.74 -14.12 -28.97
N CYS E 304 -19.73 -14.61 -28.22
CA CYS E 304 -19.97 -14.07 -26.89
C CYS E 304 -18.81 -14.39 -25.95
N LEU E 305 -18.25 -15.60 -26.03
CA LEU E 305 -17.14 -15.93 -25.15
C LEU E 305 -15.85 -15.23 -25.58
N VAL E 306 -15.65 -15.01 -26.88
CA VAL E 306 -14.52 -14.21 -27.32
C VAL E 306 -14.63 -12.81 -26.74
N ALA E 307 -15.83 -12.23 -26.77
CA ALA E 307 -16.04 -10.93 -26.16
C ALA E 307 -15.77 -10.99 -24.67
N THR E 308 -16.18 -12.07 -24.01
CA THR E 308 -15.97 -12.19 -22.57
C THR E 308 -14.49 -12.18 -22.21
N LEU E 309 -13.71 -13.01 -22.89
CA LEU E 309 -12.27 -13.06 -22.58
C LEU E 309 -11.58 -11.76 -22.99
N VAL E 310 -11.99 -11.14 -24.10
CA VAL E 310 -11.40 -9.88 -24.52
C VAL E 310 -11.66 -8.80 -23.49
N THR E 311 -12.89 -8.70 -22.99
CA THR E 311 -13.20 -7.66 -22.00
C THR E 311 -12.54 -7.97 -20.66
N PHE E 312 -12.42 -9.25 -20.29
CA PHE E 312 -11.74 -9.58 -19.05
C PHE E 312 -10.26 -9.31 -19.11
N ALA E 313 -9.65 -9.44 -20.29
CA ALA E 313 -8.25 -9.07 -20.46
C ALA E 313 -8.06 -7.57 -20.52
N VAL E 314 -8.98 -6.84 -21.14
CA VAL E 314 -8.88 -5.39 -21.21
C VAL E 314 -9.03 -4.78 -19.82
N LEU E 315 -10.03 -5.21 -19.07
CA LEU E 315 -10.21 -4.74 -17.69
C LEU E 315 -9.53 -5.67 -16.70
N SER E 316 -8.26 -5.97 -16.94
CA SER E 316 -7.46 -6.76 -16.02
C SER E 316 -6.52 -5.89 -15.20
N SER E 317 -6.61 -4.57 -15.34
CA SER E 317 -5.80 -3.64 -14.57
C SER E 317 -6.54 -3.07 -13.37
N VAL E 318 -7.87 -3.06 -13.39
CA VAL E 318 -8.63 -2.56 -12.25
C VAL E 318 -8.60 -3.60 -11.13
N SER E 319 -8.41 -3.11 -9.90
CA SER E 319 -8.20 -4.02 -8.78
C SER E 319 -9.41 -4.89 -8.50
N THR E 320 -10.60 -4.47 -8.94
CA THR E 320 -11.81 -5.23 -8.66
C THR E 320 -11.93 -6.50 -9.50
N ILE E 321 -11.12 -6.64 -10.55
CA ILE E 321 -11.20 -7.79 -11.45
C ILE E 321 -9.89 -8.56 -11.33
N ARG E 322 -9.26 -8.51 -10.15
CA ARG E 322 -8.08 -9.31 -9.85
C ARG E 322 -8.41 -10.12 -8.60
N ASN E 323 -9.09 -11.25 -8.79
CA ASN E 323 -9.42 -12.17 -7.72
C ASN E 323 -9.52 -13.57 -8.32
N GLN E 324 -9.65 -14.57 -7.44
CA GLN E 324 -9.82 -15.92 -7.93
C GLN E 324 -11.14 -16.08 -8.67
N ARG E 325 -12.12 -15.24 -8.36
CA ARG E 325 -13.43 -15.35 -9.01
C ARG E 325 -13.33 -15.08 -10.50
N TYR E 326 -12.67 -13.99 -10.88
CA TYR E 326 -12.56 -13.69 -12.30
C TYR E 326 -11.57 -14.61 -13.00
N HIS E 327 -10.61 -15.16 -12.26
CA HIS E 327 -9.77 -16.21 -12.82
C HIS E 327 -10.62 -17.42 -13.21
N ILE E 328 -11.52 -17.84 -12.31
CA ILE E 328 -12.42 -18.95 -12.61
C ILE E 328 -13.32 -18.61 -13.79
N HIS E 329 -13.86 -17.39 -13.81
CA HIS E 329 -14.74 -16.99 -14.90
C HIS E 329 -14.01 -17.03 -16.24
N ALA E 330 -12.81 -16.48 -16.29
CA ALA E 330 -12.04 -16.45 -17.54
C ALA E 330 -11.66 -17.86 -17.97
N ASN E 331 -11.24 -18.71 -17.03
CA ASN E 331 -10.84 -20.06 -17.39
C ASN E 331 -12.02 -20.88 -17.89
N LEU E 332 -13.17 -20.78 -17.21
CA LEU E 332 -14.37 -21.47 -17.69
C LEU E 332 -14.79 -20.93 -19.05
N SER E 333 -14.66 -19.63 -19.26
CA SER E 333 -14.99 -19.04 -20.54
C SER E 333 -14.12 -19.63 -21.64
N PHE E 334 -12.81 -19.71 -21.41
CA PHE E 334 -11.93 -20.29 -22.41
C PHE E 334 -12.24 -21.76 -22.65
N ALA E 335 -12.52 -22.51 -21.58
CA ALA E 335 -12.81 -23.93 -21.74
C ALA E 335 -14.06 -24.15 -22.58
N VAL E 336 -15.14 -23.43 -22.28
CA VAL E 336 -16.36 -23.57 -23.06
C VAL E 336 -16.14 -23.08 -24.49
N LEU E 337 -15.34 -22.03 -24.67
CA LEU E 337 -15.04 -21.55 -26.01
C LEU E 337 -14.37 -22.62 -26.86
N VAL E 338 -13.30 -23.22 -26.33
CA VAL E 338 -12.59 -24.23 -27.09
C VAL E 338 -13.42 -25.49 -27.27
N ALA E 339 -14.31 -25.80 -26.32
CA ALA E 339 -15.21 -26.93 -26.51
C ALA E 339 -16.22 -26.69 -27.61
N GLN E 340 -16.82 -25.50 -27.67
CA GLN E 340 -17.84 -25.20 -28.66
C GLN E 340 -17.25 -25.00 -30.05
N VAL E 341 -16.08 -24.38 -30.16
CA VAL E 341 -15.40 -24.30 -31.45
C VAL E 341 -15.11 -25.70 -31.97
N LEU E 342 -14.62 -26.57 -31.08
CA LEU E 342 -14.31 -27.93 -31.46
C LEU E 342 -15.56 -28.68 -31.88
N LEU E 343 -16.70 -28.45 -31.22
CA LEU E 343 -17.94 -29.11 -31.63
C LEU E 343 -18.44 -28.59 -32.98
N LEU E 344 -18.28 -27.30 -33.23
CA LEU E 344 -18.64 -26.77 -34.55
C LEU E 344 -17.78 -27.38 -35.65
N ILE E 345 -16.48 -27.54 -35.39
CA ILE E 345 -15.62 -28.26 -36.31
C ILE E 345 -16.07 -29.71 -36.42
N SER E 346 -16.56 -30.27 -35.31
CA SER E 346 -17.01 -31.65 -35.27
C SER E 346 -18.16 -31.90 -36.23
N PHE E 347 -19.13 -30.99 -36.25
CA PHE E 347 -20.34 -31.22 -37.03
C PHE E 347 -20.07 -31.38 -38.52
N ARG E 348 -18.90 -30.98 -39.00
CA ARG E 348 -18.58 -31.05 -40.41
C ARG E 348 -17.36 -31.90 -40.75
N LEU E 349 -16.55 -32.28 -39.77
CA LEU E 349 -15.32 -33.01 -40.06
C LEU E 349 -15.66 -34.43 -40.50
N GLU E 350 -15.04 -34.88 -41.58
CA GLU E 350 -15.33 -36.20 -42.13
C GLU E 350 -14.80 -37.29 -41.20
N PRO E 351 -15.62 -38.27 -40.84
CA PRO E 351 -15.17 -39.29 -39.88
C PRO E 351 -14.06 -40.15 -40.48
N GLY E 352 -13.35 -40.82 -39.59
CA GLY E 352 -12.23 -41.64 -39.98
C GLY E 352 -11.41 -42.03 -38.75
N THR E 353 -10.09 -41.93 -38.89
CA THR E 353 -9.20 -42.25 -37.79
C THR E 353 -8.15 -41.16 -37.57
N THR E 354 -7.73 -40.50 -38.66
CA THR E 354 -6.60 -39.57 -38.55
C THR E 354 -6.98 -38.30 -37.81
N PRO E 355 -7.97 -37.50 -38.27
CA PRO E 355 -8.29 -36.28 -37.52
C PRO E 355 -9.28 -36.55 -36.40
N CYS E 356 -10.09 -37.58 -36.60
CA CYS E 356 -11.23 -37.85 -35.72
C CYS E 356 -10.76 -38.21 -34.31
N GLN E 357 -9.68 -38.98 -34.20
CA GLN E 357 -9.22 -39.42 -32.88
C GLN E 357 -8.73 -38.25 -32.04
N VAL E 358 -7.85 -37.43 -32.61
CA VAL E 358 -7.34 -36.27 -31.88
C VAL E 358 -8.47 -35.31 -31.56
N MET E 359 -9.38 -35.11 -32.52
CA MET E 359 -10.56 -34.28 -32.29
C MET E 359 -11.38 -34.80 -31.12
N ALA E 360 -11.65 -36.10 -31.07
CA ALA E 360 -12.47 -36.65 -30.00
C ALA E 360 -11.77 -36.51 -28.65
N VAL E 361 -10.48 -36.79 -28.60
CA VAL E 361 -9.76 -36.68 -27.34
C VAL E 361 -9.75 -35.24 -26.84
N LEU E 362 -9.64 -34.32 -27.76
CA LEU E 362 -9.67 -32.92 -27.43
C LEU E 362 -11.07 -32.42 -27.29
N LEU E 363 -12.06 -33.28 -27.34
CA LEU E 363 -13.39 -32.83 -27.07
C LEU E 363 -13.82 -33.53 -25.82
N HIS E 364 -12.90 -34.06 -25.04
CA HIS E 364 -13.24 -34.64 -23.77
C HIS E 364 -12.52 -33.76 -22.77
N TYR E 365 -11.26 -33.44 -23.00
CA TYR E 365 -10.50 -32.55 -22.11
C TYR E 365 -10.88 -31.17 -22.49
N PHE E 366 -12.11 -30.98 -22.87
CA PHE E 366 -12.57 -29.65 -23.12
C PHE E 366 -14.01 -29.55 -22.79
N PHE E 367 -14.70 -30.66 -22.54
CA PHE E 367 -16.06 -30.57 -22.04
C PHE E 367 -15.92 -31.16 -20.65
N LEU E 368 -14.76 -31.69 -20.27
CA LEU E 368 -14.56 -32.12 -18.89
C LEU E 368 -13.88 -30.99 -18.16
N SER E 369 -12.93 -30.31 -18.78
CA SER E 369 -12.36 -29.14 -18.12
C SER E 369 -13.42 -28.08 -17.88
N ALA E 370 -14.35 -27.92 -18.82
CA ALA E 370 -15.47 -27.02 -18.59
C ALA E 370 -16.27 -27.43 -17.36
N PHE E 371 -16.59 -28.73 -17.26
CA PHE E 371 -17.36 -29.20 -16.10
C PHE E 371 -16.58 -29.04 -14.80
N ALA E 372 -15.28 -29.32 -14.83
CA ALA E 372 -14.46 -29.13 -13.63
C ALA E 372 -14.40 -27.67 -13.23
N TRP E 373 -14.41 -26.76 -14.20
CA TRP E 373 -14.43 -25.34 -13.86
C TRP E 373 -15.78 -24.91 -13.32
N MET E 374 -16.87 -25.52 -13.79
CA MET E 374 -18.16 -25.29 -13.14
C MET E 374 -18.12 -25.75 -11.68
N LEU E 375 -17.50 -26.91 -11.43
CA LEU E 375 -17.37 -27.39 -10.06
C LEU E 375 -16.53 -26.43 -9.21
N VAL E 376 -15.46 -25.90 -9.78
CA VAL E 376 -14.62 -24.95 -9.07
C VAL E 376 -15.42 -23.68 -8.75
N GLU E 377 -16.21 -23.21 -9.71
CA GLU E 377 -17.05 -22.05 -9.47
C GLU E 377 -18.05 -22.33 -8.35
N GLY E 378 -18.65 -23.51 -8.34
CA GLY E 378 -19.57 -23.86 -7.27
C GLY E 378 -18.92 -23.92 -5.91
N LEU E 379 -17.72 -24.51 -5.85
CA LEU E 379 -17.00 -24.59 -4.58
C LEU E 379 -16.59 -23.20 -4.09
N HIS E 380 -16.17 -22.33 -5.01
CA HIS E 380 -15.83 -20.96 -4.62
C HIS E 380 -17.06 -20.23 -4.13
N LEU E 381 -18.20 -20.43 -4.77
CA LEU E 381 -19.43 -19.82 -4.30
C LEU E 381 -19.81 -20.31 -2.91
N TYR E 382 -19.63 -21.61 -2.66
CA TYR E 382 -19.93 -22.15 -1.33
C TYR E 382 -18.99 -21.58 -0.28
N SER E 383 -17.70 -21.49 -0.61
CA SER E 383 -16.72 -20.93 0.30
C SER E 383 -16.77 -19.41 0.36
N MET E 384 -17.81 -18.81 -0.21
CA MET E 384 -17.97 -17.37 -0.24
C MET E 384 -19.33 -16.88 0.25
N VAL E 385 -20.36 -17.72 0.21
CA VAL E 385 -21.70 -17.32 0.64
C VAL E 385 -22.13 -18.12 1.86
N ILE E 386 -21.65 -19.35 1.98
CA ILE E 386 -22.03 -20.20 3.10
C ILE E 386 -20.97 -20.10 4.19
N LYS E 387 -19.74 -20.50 3.87
CA LYS E 387 -18.60 -20.32 4.78
C LYS E 387 -17.94 -19.00 4.38
N VAL E 388 -18.40 -17.91 4.99
CA VAL E 388 -17.99 -16.59 4.54
C VAL E 388 -16.60 -16.19 4.99
N PHE E 389 -16.02 -16.90 5.95
CA PHE E 389 -14.71 -16.57 6.49
C PHE E 389 -13.64 -17.47 5.88
N GLY E 390 -12.42 -16.94 5.84
CA GLY E 390 -11.33 -17.65 5.20
C GLY E 390 -11.49 -17.81 3.71
N SER E 391 -12.03 -16.78 3.05
CA SER E 391 -12.27 -16.81 1.61
C SER E 391 -11.38 -15.89 0.82
N GLU E 392 -11.00 -14.73 1.38
CA GLU E 392 -10.11 -13.82 0.69
C GLU E 392 -8.71 -14.38 0.52
N ASP E 393 -8.36 -15.44 1.24
CA ASP E 393 -7.05 -16.06 1.09
C ASP E 393 -6.92 -16.69 -0.29
N SER E 394 -5.71 -16.59 -0.85
CA SER E 394 -5.46 -17.10 -2.19
C SER E 394 -5.38 -18.62 -2.16
N LYS E 395 -6.11 -19.27 -3.08
CA LYS E 395 -6.08 -20.71 -3.25
C LYS E 395 -5.99 -21.06 -4.73
N HIS E 396 -5.08 -20.40 -5.44
CA HIS E 396 -4.89 -20.70 -6.86
C HIS E 396 -3.99 -21.91 -7.04
N ARG E 397 -4.31 -23.00 -6.35
CA ARG E 397 -3.60 -24.25 -6.51
C ARG E 397 -4.54 -25.43 -6.68
N TYR E 398 -5.63 -25.47 -5.91
CA TYR E 398 -6.65 -26.50 -6.09
C TYR E 398 -7.58 -26.15 -7.24
N TYR E 399 -7.83 -24.86 -7.49
CA TYR E 399 -8.69 -24.47 -8.58
C TYR E 399 -8.06 -24.83 -9.93
N TYR E 400 -6.79 -24.47 -10.11
CA TYR E 400 -6.06 -24.87 -11.31
C TYR E 400 -5.66 -26.33 -11.29
N GLY E 401 -5.89 -27.02 -10.18
CA GLY E 401 -5.67 -28.46 -10.12
C GLY E 401 -6.95 -29.21 -10.40
N MET E 402 -8.09 -28.66 -9.95
CA MET E 402 -9.38 -29.28 -10.25
C MET E 402 -9.76 -29.04 -11.70
N GLY E 403 -9.54 -27.83 -12.20
CA GLY E 403 -9.74 -27.51 -13.61
C GLY E 403 -8.38 -27.35 -14.28
N TRP E 404 -8.28 -27.86 -15.50
CA TRP E 404 -7.03 -28.03 -16.26
C TRP E 404 -6.11 -29.06 -15.62
N GLY E 405 -6.54 -29.69 -14.54
CA GLY E 405 -5.77 -30.72 -13.87
C GLY E 405 -6.42 -32.08 -14.04
N PHE E 406 -7.22 -32.47 -13.05
CA PHE E 406 -7.99 -33.71 -13.01
C PHE E 406 -8.61 -34.11 -14.34
N PRO E 407 -9.12 -33.17 -15.15
CA PRO E 407 -9.57 -33.58 -16.50
C PRO E 407 -8.48 -34.24 -17.32
N LEU E 408 -7.24 -33.75 -17.22
CA LEU E 408 -6.15 -34.39 -17.94
C LEU E 408 -5.89 -35.80 -17.43
N LEU E 409 -5.93 -35.99 -16.11
CA LEU E 409 -5.73 -37.32 -15.54
C LEU E 409 -6.83 -38.27 -15.98
N ILE E 410 -8.08 -37.81 -15.97
CA ILE E 410 -9.19 -38.66 -16.36
C ILE E 410 -9.09 -39.03 -17.83
N CYS E 411 -8.74 -38.06 -18.68
CA CYS E 411 -8.57 -38.37 -20.10
C CYS E 411 -7.41 -39.32 -20.33
N ILE E 412 -6.32 -39.17 -19.56
CA ILE E 412 -5.19 -40.08 -19.69
C ILE E 412 -5.60 -41.50 -19.32
N ILE E 413 -6.32 -41.65 -18.21
CA ILE E 413 -6.72 -42.99 -17.78
C ILE E 413 -7.75 -43.58 -18.75
N SER E 414 -8.61 -42.74 -19.34
CA SER E 414 -9.58 -43.25 -20.30
C SER E 414 -8.90 -43.69 -21.58
N LEU E 415 -7.90 -42.93 -22.04
CA LEU E 415 -7.13 -43.34 -23.21
C LEU E 415 -6.36 -44.62 -22.94
N SER E 416 -5.79 -44.75 -21.74
CA SER E 416 -5.06 -45.96 -21.39
C SER E 416 -5.98 -47.17 -21.34
N PHE E 417 -7.18 -47.01 -20.76
CA PHE E 417 -8.10 -48.13 -20.64
C PHE E 417 -8.61 -48.59 -22.00
N ALA E 418 -8.99 -47.65 -22.86
CA ALA E 418 -9.52 -47.99 -24.18
C ALA E 418 -9.37 -46.78 -25.09
N MET E 419 -8.68 -46.95 -26.20
CA MET E 419 -8.46 -45.87 -27.14
C MET E 419 -9.35 -45.94 -28.37
N ASP E 420 -9.72 -47.16 -28.80
CA ASP E 420 -10.59 -47.31 -29.97
C ASP E 420 -11.98 -46.77 -29.71
N SER E 421 -12.40 -46.64 -28.46
CA SER E 421 -13.71 -46.11 -28.15
C SER E 421 -13.85 -44.63 -28.44
N TYR E 422 -12.74 -43.92 -28.68
CA TYR E 422 -12.83 -42.52 -29.04
C TYR E 422 -13.27 -42.32 -30.48
N GLY E 423 -12.90 -43.23 -31.37
CA GLY E 423 -13.26 -43.08 -32.77
C GLY E 423 -14.74 -43.25 -33.02
N THR E 424 -15.36 -44.23 -32.37
CA THR E 424 -16.79 -44.56 -32.51
C THR E 424 -17.06 -44.82 -33.99
N SER E 425 -18.23 -44.41 -34.50
CA SER E 425 -18.56 -44.46 -35.91
C SER E 425 -19.61 -43.38 -36.14
N ASN E 426 -20.05 -43.23 -37.39
CA ASN E 426 -20.98 -42.16 -37.74
C ASN E 426 -20.44 -40.82 -37.26
N ASN E 427 -21.20 -40.13 -36.42
CA ASN E 427 -20.74 -38.87 -35.86
C ASN E 427 -19.50 -39.09 -35.00
N CYS E 428 -18.57 -38.13 -35.06
CA CYS E 428 -17.30 -38.23 -34.36
C CYS E 428 -17.45 -37.61 -32.97
N TRP E 429 -17.51 -38.47 -31.95
CA TRP E 429 -17.64 -38.03 -30.56
C TRP E 429 -16.96 -39.07 -29.69
N LEU E 430 -17.25 -39.04 -28.38
CA LEU E 430 -16.94 -40.16 -27.52
C LEU E 430 -17.97 -41.25 -27.72
N SER E 431 -17.64 -42.44 -27.22
CA SER E 431 -18.46 -43.62 -27.45
C SER E 431 -19.76 -43.50 -26.66
N LEU E 432 -20.84 -43.09 -27.32
CA LEU E 432 -22.15 -43.18 -26.70
C LEU E 432 -22.78 -44.52 -27.07
N ALA E 433 -21.97 -45.56 -26.90
CA ALA E 433 -22.40 -46.95 -27.04
C ALA E 433 -21.80 -47.87 -26.00
N SER E 434 -20.68 -47.51 -25.39
CA SER E 434 -20.00 -48.37 -24.43
C SER E 434 -19.78 -47.63 -23.12
N GLY E 435 -18.98 -48.22 -22.23
CA GLY E 435 -18.69 -47.61 -20.94
C GLY E 435 -17.71 -46.46 -20.98
N ALA E 436 -17.18 -46.13 -22.16
CA ALA E 436 -16.26 -45.00 -22.26
C ALA E 436 -16.96 -43.68 -21.97
N ILE E 437 -18.26 -43.59 -22.25
CA ILE E 437 -18.99 -42.37 -21.97
C ILE E 437 -19.08 -42.11 -20.47
N TRP E 438 -18.93 -43.16 -19.65
CA TRP E 438 -18.98 -42.96 -18.21
C TRP E 438 -17.84 -42.05 -17.73
N ALA E 439 -16.65 -42.22 -18.31
CA ALA E 439 -15.53 -41.34 -18.00
C ALA E 439 -15.86 -39.87 -18.22
N PHE E 440 -16.93 -39.58 -18.96
CA PHE E 440 -17.47 -38.23 -19.04
C PHE E 440 -18.75 -38.05 -18.22
N VAL E 441 -19.61 -39.06 -18.16
CA VAL E 441 -20.88 -38.89 -17.47
C VAL E 441 -20.76 -39.08 -15.96
N ALA E 442 -19.70 -39.73 -15.48
CA ALA E 442 -19.51 -39.86 -14.05
C ALA E 442 -18.92 -38.57 -13.45
N PRO E 443 -17.86 -37.99 -14.03
CA PRO E 443 -17.41 -36.69 -13.52
C PRO E 443 -18.44 -35.59 -13.71
N ALA E 444 -19.26 -35.66 -14.76
CA ALA E 444 -20.25 -34.61 -14.99
C ALA E 444 -21.42 -34.73 -14.01
N LEU E 445 -22.05 -35.90 -13.96
CA LEU E 445 -23.21 -36.08 -13.09
C LEU E 445 -22.87 -35.81 -11.64
N PHE E 446 -21.63 -36.08 -11.23
CA PHE E 446 -21.20 -35.70 -9.89
C PHE E 446 -21.27 -34.20 -9.72
N VAL E 447 -20.62 -33.46 -10.62
CA VAL E 447 -20.59 -32.00 -10.50
C VAL E 447 -21.99 -31.44 -10.50
N ILE E 448 -22.81 -31.87 -11.46
CA ILE E 448 -24.19 -31.40 -11.54
C ILE E 448 -24.91 -31.64 -10.22
N VAL E 449 -24.62 -32.75 -9.56
CA VAL E 449 -25.25 -33.00 -8.26
C VAL E 449 -24.78 -31.96 -7.24
N VAL E 450 -23.46 -31.79 -7.12
CA VAL E 450 -22.94 -30.83 -6.15
C VAL E 450 -23.41 -29.42 -6.50
N ASN E 451 -23.26 -29.04 -7.76
CA ASN E 451 -23.71 -27.73 -8.20
C ASN E 451 -25.20 -27.55 -8.05
N ILE E 452 -25.96 -28.64 -7.89
CA ILE E 452 -27.35 -28.48 -7.51
C ILE E 452 -27.46 -28.22 -6.01
N GLY E 453 -26.83 -29.08 -5.21
CA GLY E 453 -26.95 -28.94 -3.76
C GLY E 453 -26.44 -27.60 -3.28
N ILE E 454 -25.24 -27.22 -3.73
CA ILE E 454 -24.70 -25.90 -3.40
C ILE E 454 -25.70 -24.83 -3.82
N LEU E 455 -26.23 -24.95 -5.04
CA LEU E 455 -27.23 -24.00 -5.50
C LEU E 455 -28.37 -23.89 -4.51
N ILE E 456 -28.88 -25.04 -4.06
CA ILE E 456 -29.97 -25.04 -3.09
C ILE E 456 -29.58 -24.21 -1.88
N ALA E 457 -28.39 -24.49 -1.33
CA ALA E 457 -27.90 -23.71 -0.19
C ALA E 457 -27.90 -22.23 -0.53
N VAL E 458 -27.29 -21.85 -1.64
CA VAL E 458 -27.16 -20.44 -1.96
C VAL E 458 -28.53 -19.84 -2.24
N THR E 459 -29.50 -20.66 -2.65
CA THR E 459 -30.85 -20.12 -2.78
C THR E 459 -31.49 -19.93 -1.41
N ARG E 460 -31.31 -20.90 -0.51
CA ARG E 460 -31.95 -20.81 0.80
C ARG E 460 -31.50 -19.55 1.54
N VAL E 461 -30.20 -19.28 1.55
CA VAL E 461 -29.70 -18.04 2.12
C VAL E 461 -30.35 -16.86 1.42
N ILE E 462 -30.38 -16.88 0.09
CA ILE E 462 -31.02 -15.80 -0.66
C ILE E 462 -32.47 -15.67 -0.24
N SER E 463 -33.12 -16.78 0.10
CA SER E 463 -34.47 -16.72 0.64
C SER E 463 -34.48 -15.99 1.98
N GLN E 464 -33.64 -16.43 2.92
CA GLN E 464 -33.66 -15.85 4.27
C GLN E 464 -33.33 -14.38 4.22
N ILE E 465 -32.31 -14.00 3.45
CA ILE E 465 -31.97 -12.59 3.28
C ILE E 465 -33.14 -11.84 2.65
N SER E 466 -33.84 -12.48 1.71
CA SER E 466 -35.01 -11.86 1.12
C SER E 466 -36.22 -11.91 2.03
N ALA E 467 -36.15 -12.66 3.13
CA ALA E 467 -37.22 -12.70 4.13
C ALA E 467 -36.95 -11.78 5.30
N ASP E 468 -36.28 -10.65 5.05
CA ASP E 468 -35.93 -9.70 6.09
C ASP E 468 -37.17 -9.10 6.74
N SER E 477 -41.18 -9.52 -2.97
CA SER E 477 -39.94 -9.52 -3.73
C SER E 477 -39.19 -10.83 -3.54
N ALA E 478 -39.77 -11.74 -2.75
CA ALA E 478 -39.14 -13.04 -2.52
C ALA E 478 -39.03 -13.84 -3.82
N PHE E 479 -40.07 -13.80 -4.65
CA PHE E 479 -40.04 -14.51 -5.92
C PHE E 479 -39.25 -13.78 -7.00
N LYS E 480 -38.82 -12.54 -6.74
CA LYS E 480 -38.07 -11.77 -7.72
C LYS E 480 -36.57 -11.94 -7.56
N LEU E 481 -36.07 -11.87 -6.33
CA LEU E 481 -34.62 -11.96 -6.11
C LEU E 481 -34.12 -13.39 -6.29
N THR E 482 -34.87 -14.37 -5.80
CA THR E 482 -34.44 -15.76 -5.95
C THR E 482 -34.42 -16.18 -7.40
N ALA E 483 -35.40 -15.73 -8.19
CA ALA E 483 -35.40 -16.05 -9.62
C ALA E 483 -34.18 -15.45 -10.32
N LYS E 484 -33.84 -14.21 -9.99
CA LYS E 484 -32.65 -13.59 -10.57
C LYS E 484 -31.38 -14.32 -10.16
N ALA E 485 -31.32 -14.76 -8.89
CA ALA E 485 -30.16 -15.51 -8.45
C ALA E 485 -30.03 -16.81 -9.22
N VAL E 486 -31.15 -17.51 -9.43
CA VAL E 486 -31.11 -18.75 -10.20
C VAL E 486 -30.67 -18.47 -11.64
N ALA E 487 -31.18 -17.40 -12.23
CA ALA E 487 -30.79 -17.07 -13.60
C ALA E 487 -29.30 -16.75 -13.70
N VAL E 488 -28.76 -16.03 -12.72
CA VAL E 488 -27.35 -15.68 -12.74
C VAL E 488 -26.48 -16.92 -12.52
N LEU E 489 -26.93 -17.85 -11.69
CA LEU E 489 -26.16 -19.04 -11.40
C LEU E 489 -26.33 -20.14 -12.44
N LEU E 490 -27.32 -20.03 -13.33
CA LEU E 490 -27.51 -21.04 -14.36
C LEU E 490 -26.29 -21.26 -15.24
N PRO E 491 -25.64 -20.21 -15.79
CA PRO E 491 -24.54 -20.49 -16.73
C PRO E 491 -23.28 -21.01 -16.07
N ILE E 492 -22.92 -20.52 -14.89
CA ILE E 492 -21.65 -20.91 -14.30
C ILE E 492 -21.75 -22.23 -13.57
N LEU E 493 -22.89 -22.50 -12.92
CA LEU E 493 -23.05 -23.75 -12.18
C LEU E 493 -23.43 -24.92 -13.08
N GLY E 494 -23.87 -24.65 -14.30
CA GLY E 494 -24.18 -25.73 -15.21
C GLY E 494 -25.37 -26.56 -14.83
N THR E 495 -26.30 -26.01 -14.05
CA THR E 495 -27.49 -26.75 -13.64
C THR E 495 -28.48 -26.93 -14.77
N SER E 496 -28.24 -26.32 -15.93
CA SER E 496 -29.07 -26.53 -17.10
C SER E 496 -28.72 -27.79 -17.87
N TRP E 497 -27.69 -28.52 -17.43
CA TRP E 497 -27.27 -29.74 -18.08
C TRP E 497 -27.98 -30.99 -17.56
N VAL E 498 -28.88 -30.84 -16.59
CA VAL E 498 -29.59 -32.01 -16.07
C VAL E 498 -30.42 -32.67 -17.15
N PHE E 499 -30.93 -31.87 -18.10
CA PHE E 499 -31.68 -32.44 -19.22
C PHE E 499 -30.81 -33.35 -20.07
N GLY E 500 -29.48 -33.15 -20.06
CA GLY E 500 -28.62 -34.10 -20.72
C GLY E 500 -28.69 -35.48 -20.10
N VAL E 501 -28.76 -35.53 -18.76
CA VAL E 501 -28.97 -36.82 -18.09
C VAL E 501 -30.39 -37.32 -18.35
N LEU E 502 -31.36 -36.41 -18.38
CA LEU E 502 -32.75 -36.84 -18.56
C LEU E 502 -33.00 -37.23 -20.02
N ALA E 503 -32.47 -36.47 -20.97
CA ALA E 503 -32.66 -36.78 -22.38
C ALA E 503 -31.34 -36.93 -23.09
N VAL E 510 -39.45 -33.30 -26.43
CA VAL E 510 -39.57 -31.91 -26.00
C VAL E 510 -38.37 -31.50 -25.16
N PHE E 511 -37.94 -32.40 -24.27
CA PHE E 511 -36.81 -32.09 -23.40
C PHE E 511 -35.51 -31.96 -24.18
N GLN E 512 -35.40 -32.62 -25.33
CA GLN E 512 -34.20 -32.46 -26.15
C GLN E 512 -34.06 -31.03 -26.66
N TYR E 513 -35.18 -30.42 -27.07
CA TYR E 513 -35.16 -29.02 -27.49
C TYR E 513 -34.70 -28.12 -26.35
N MET E 514 -35.21 -28.36 -25.15
CA MET E 514 -34.82 -27.56 -24.00
C MET E 514 -33.32 -27.73 -23.72
N PHE E 515 -32.83 -28.97 -23.79
CA PHE E 515 -31.41 -29.22 -23.59
C PHE E 515 -30.58 -28.42 -24.59
N ALA E 516 -30.94 -28.49 -25.87
CA ALA E 516 -30.17 -27.79 -26.89
C ALA E 516 -30.21 -26.30 -26.68
N THR E 517 -31.40 -25.73 -26.50
CA THR E 517 -31.55 -24.29 -26.36
C THR E 517 -30.93 -23.77 -25.07
N LEU E 518 -30.74 -24.61 -24.07
CA LEU E 518 -30.16 -24.14 -22.82
C LEU E 518 -28.65 -24.29 -22.78
N ASN E 519 -28.11 -25.38 -23.30
CA ASN E 519 -26.67 -25.60 -23.25
C ASN E 519 -25.96 -25.28 -24.56
N SER E 520 -26.66 -24.66 -25.52
CA SER E 520 -25.97 -24.02 -26.63
C SER E 520 -25.72 -22.54 -26.38
N LEU E 521 -26.62 -21.87 -25.67
CA LEU E 521 -26.44 -20.48 -25.28
C LEU E 521 -25.78 -20.34 -23.91
N GLN E 522 -24.99 -21.33 -23.49
CA GLN E 522 -24.28 -21.20 -22.22
C GLN E 522 -23.33 -20.02 -22.24
N GLY E 523 -22.61 -19.84 -23.34
CA GLY E 523 -21.71 -18.70 -23.49
C GLY E 523 -22.50 -17.40 -23.52
N LEU E 524 -23.65 -17.39 -24.18
CA LEU E 524 -24.50 -16.21 -24.20
C LEU E 524 -24.89 -15.81 -22.78
N PHE E 525 -25.30 -16.79 -21.99
CA PHE E 525 -25.70 -16.51 -20.61
C PHE E 525 -24.51 -16.05 -19.76
N ILE E 526 -23.34 -16.66 -19.96
CA ILE E 526 -22.16 -16.23 -19.23
C ILE E 526 -21.82 -14.78 -19.57
N PHE E 527 -21.86 -14.45 -20.85
CA PHE E 527 -21.55 -13.09 -21.29
C PHE E 527 -22.57 -12.09 -20.75
N LEU E 528 -23.86 -12.47 -20.74
CA LEU E 528 -24.89 -11.56 -20.28
C LEU E 528 -24.80 -11.33 -18.77
N PHE E 529 -24.69 -12.40 -17.99
CA PHE E 529 -24.80 -12.31 -16.54
C PHE E 529 -23.46 -12.18 -15.84
N HIS E 530 -22.35 -12.18 -16.56
CA HIS E 530 -21.05 -12.02 -15.93
C HIS E 530 -20.12 -11.09 -16.69
N CYS E 531 -20.57 -10.48 -17.79
CA CYS E 531 -19.77 -9.49 -18.50
C CYS E 531 -20.56 -8.26 -18.92
N LEU E 532 -21.88 -8.30 -18.89
CA LEU E 532 -22.71 -7.15 -19.24
C LEU E 532 -23.60 -6.68 -18.11
N LEU E 533 -24.20 -7.60 -17.37
CA LEU E 533 -25.09 -7.23 -16.27
C LEU E 533 -24.37 -7.20 -14.92
N ASN E 534 -23.09 -7.53 -14.88
CA ASN E 534 -22.31 -7.44 -13.65
C ASN E 534 -21.95 -5.99 -13.39
N SER E 535 -22.20 -5.53 -12.16
CA SER E 535 -21.94 -4.15 -11.81
C SER E 535 -20.44 -3.87 -11.73
N GLU E 536 -19.67 -4.85 -11.25
CA GLU E 536 -18.23 -4.66 -11.14
C GLU E 536 -17.59 -4.47 -12.51
N VAL E 537 -17.94 -5.34 -13.46
CA VAL E 537 -17.39 -5.24 -14.81
C VAL E 537 -17.85 -3.97 -15.49
N ARG E 538 -19.11 -3.59 -15.28
CA ARG E 538 -19.62 -2.36 -15.88
C ARG E 538 -18.88 -1.14 -15.35
N ALA E 539 -18.67 -1.07 -14.04
CA ALA E 539 -17.95 0.05 -13.47
C ALA E 539 -16.50 0.08 -13.95
N ALA E 540 -15.87 -1.10 -14.04
CA ALA E 540 -14.51 -1.17 -14.55
C ALA E 540 -14.43 -0.69 -15.99
N PHE E 541 -15.39 -1.09 -16.82
CA PHE E 541 -15.41 -0.65 -18.21
C PHE E 541 -15.60 0.85 -18.29
N LYS E 542 -16.49 1.41 -17.48
CA LYS E 542 -16.68 2.85 -17.48
C LYS E 542 -15.39 3.58 -17.07
N HIS E 543 -14.73 3.09 -16.02
CA HIS E 543 -13.51 3.74 -15.56
C HIS E 543 -12.41 3.65 -16.62
N LYS E 544 -12.23 2.49 -17.24
CA LYS E 544 -11.17 2.33 -18.22
C LYS E 544 -11.45 3.14 -19.48
N THR E 545 -12.72 3.22 -19.89
CA THR E 545 -13.07 4.05 -21.03
C THR E 545 -12.80 5.52 -20.73
N LYS E 546 -13.11 5.97 -19.52
CA LYS E 546 -12.78 7.35 -19.15
C LYS E 546 -11.27 7.57 -19.15
N VAL E 547 -10.51 6.59 -18.65
CA VAL E 547 -9.06 6.71 -18.63
C VAL E 547 -8.52 6.85 -20.05
N TRP E 548 -8.98 5.99 -20.95
CA TRP E 548 -8.50 6.04 -22.33
C TRP E 548 -8.96 7.31 -23.03
N SER E 549 -10.12 7.84 -22.65
CA SER E 549 -10.58 9.10 -23.21
C SER E 549 -9.68 10.26 -22.78
N LEU E 550 -9.26 10.27 -21.52
CA LEU E 550 -8.44 11.38 -21.03
C LEU E 550 -6.96 11.19 -21.34
N THR E 551 -6.49 9.96 -21.42
CA THR E 551 -5.09 9.70 -21.71
C THR E 551 -4.74 10.03 -23.16
#